data_7DVO
#
_entry.id   7DVO
#
_cell.length_a   54.270
_cell.length_b   101.610
_cell.length_c   73.190
_cell.angle_alpha   90.000
_cell.angle_beta   92.710
_cell.angle_gamma   90.000
#
_symmetry.space_group_name_H-M   'P 1 21 1'
#
loop_
_entity.id
_entity.type
_entity.pdbx_description
1 polymer 'NADP nitrous oxide-forming nitric oxide reductase'
2 non-polymer 'PROTOPORPHYRIN IX CONTAINING FE'
3 non-polymer 'NITRIC OXIDE'
4 non-polymer GLYCEROL
5 water water
#
_entity_poly.entity_id   1
_entity_poly.type   'polypeptide(L)'
_entity_poly.pdbx_seq_one_letter_code
;MASGAPSFPFSRASGPEPPAEFAKLRATNPVSQVKLFDGSLAWLVTKHKDVCFVATSEKLSKVRTRQGFPELSASGKQAA
KAKPTFVDMDPPEHMHQRSMVEPTFTPEAVKNLQPYIQRTVDDLLEQMKQKGCANGPVDLVKEFALPVPSYIIYTLLGVP
FNDLEYLTQQNAIRTNGSSTAREASAANQELLDYLAILVEQRLVEPKDDIISKLCTEQVKPGNIDKSDAVQIAFLLLVAG
NATMVNMIALGVATLAQHPDQLAQLKANPSLAPQFVEELCRYHTASALAIKRTAKEDVMIGDKLVRANEGIIASNQSANR
DEEVFENPDEFNMNRKWPPQDPLGFGFGDHRCIAEHLAKAELTTVFSTLYQKFPDLKVAVPLGKINYTPLNRDVGIVDLP
VIF
;
_entity_poly.pdbx_strand_id   A,B
#
loop_
_chem_comp.id
_chem_comp.type
_chem_comp.name
_chem_comp.formula
GOL non-polymer GLYCEROL 'C3 H8 O3'
HEM non-polymer 'PROTOPORPHYRIN IX CONTAINING FE' 'C34 H32 Fe N4 O4'
NO non-polymer 'NITRIC OXIDE' 'N O'
#
# COMPACT_ATOMS: atom_id res chain seq x y z
N ALA A 5 -20.57 -29.56 -30.74
CA ALA A 5 -19.80 -29.14 -29.56
C ALA A 5 -18.63 -28.27 -29.96
N PRO A 6 -18.50 -27.11 -29.33
CA PRO A 6 -17.44 -26.17 -29.69
C PRO A 6 -16.07 -26.63 -29.22
N SER A 7 -15.04 -26.28 -30.00
CA SER A 7 -13.68 -26.64 -29.65
CA SER A 7 -13.67 -26.63 -29.66
C SER A 7 -13.21 -25.86 -28.44
N PHE A 8 -12.48 -26.55 -27.54
CA PHE A 8 -12.03 -25.98 -26.29
C PHE A 8 -10.58 -26.35 -26.08
N PRO A 9 -9.75 -25.46 -25.50
CA PRO A 9 -10.03 -24.12 -24.96
C PRO A 9 -10.59 -23.08 -25.93
N PHE A 10 -11.52 -22.28 -25.44
CA PHE A 10 -11.97 -21.11 -26.15
C PHE A 10 -10.84 -20.08 -26.23
N SER A 11 -10.89 -19.22 -27.25
CA SER A 11 -9.98 -18.09 -27.34
C SER A 11 -10.49 -16.93 -26.50
N ARG A 12 -9.56 -16.15 -25.94
CA ARG A 12 -9.98 -14.96 -25.20
C ARG A 12 -10.64 -13.97 -26.14
N ALA A 13 -11.59 -13.19 -25.59
CA ALA A 13 -12.32 -12.24 -26.43
C ALA A 13 -11.42 -11.14 -26.95
N SER A 14 -10.42 -10.74 -26.16
CA SER A 14 -9.38 -9.80 -26.57
C SER A 14 -8.23 -10.00 -25.59
N GLY A 15 -7.15 -9.23 -25.77
CA GLY A 15 -5.97 -9.35 -24.95
C GLY A 15 -6.20 -9.62 -23.47
N PRO A 16 -6.85 -8.69 -22.76
CA PRO A 16 -7.08 -8.85 -21.32
C PRO A 16 -8.41 -9.48 -20.90
N GLU A 17 -9.23 -9.93 -21.84
CA GLU A 17 -10.57 -10.39 -21.51
C GLU A 17 -10.65 -11.91 -21.50
N PRO A 18 -11.51 -12.48 -20.65
CA PRO A 18 -11.79 -13.92 -20.75
C PRO A 18 -12.49 -14.26 -22.05
N PRO A 19 -12.58 -15.53 -22.40
CA PRO A 19 -13.36 -15.91 -23.59
C PRO A 19 -14.80 -15.43 -23.48
N ALA A 20 -15.36 -14.98 -24.60
CA ALA A 20 -16.74 -14.52 -24.60
C ALA A 20 -17.74 -15.64 -24.32
N GLU A 21 -17.33 -16.91 -24.48
CA GLU A 21 -18.29 -18.00 -24.38
C GLU A 21 -18.79 -18.22 -22.95
N PHE A 22 -17.97 -17.89 -21.95
CA PHE A 22 -18.31 -18.26 -20.59
C PHE A 22 -19.56 -17.53 -20.10
N ALA A 23 -19.67 -16.23 -20.43
CA ALA A 23 -20.83 -15.48 -19.97
C ALA A 23 -22.10 -16.04 -20.57
N LYS A 24 -22.04 -16.47 -21.84
CA LYS A 24 -23.24 -16.99 -22.48
C LYS A 24 -23.60 -18.35 -21.91
N LEU A 25 -22.59 -19.18 -21.63
CA LEU A 25 -22.84 -20.50 -21.07
C LEU A 25 -23.38 -20.40 -19.65
N ARG A 26 -22.86 -19.48 -18.86
CA ARG A 26 -23.38 -19.33 -17.51
C ARG A 26 -24.87 -19.00 -17.53
N ALA A 27 -25.31 -18.27 -18.57
CA ALA A 27 -26.70 -17.83 -18.66
C ALA A 27 -27.61 -18.87 -19.26
N THR A 28 -27.12 -19.69 -20.18
CA THR A 28 -27.98 -20.57 -20.96
C THR A 28 -27.67 -22.05 -20.83
N ASN A 29 -26.45 -22.41 -20.50
CA ASN A 29 -26.09 -23.83 -20.49
C ASN A 29 -24.88 -24.02 -19.58
N PRO A 30 -25.05 -23.88 -18.27
CA PRO A 30 -23.86 -23.78 -17.38
C PRO A 30 -23.02 -25.05 -17.31
N VAL A 31 -23.56 -26.22 -17.63
CA VAL A 31 -22.82 -27.49 -17.72
C VAL A 31 -22.99 -28.01 -19.14
N SER A 32 -21.97 -27.87 -19.96
CA SER A 32 -22.09 -28.17 -21.39
C SER A 32 -20.93 -29.05 -21.86
N GLN A 33 -21.09 -29.62 -23.04
CA GLN A 33 -20.04 -30.43 -23.65
C GLN A 33 -19.20 -29.60 -24.60
N VAL A 34 -17.89 -29.86 -24.59
CA VAL A 34 -16.96 -29.22 -25.50
C VAL A 34 -16.10 -30.30 -26.13
N LYS A 35 -15.47 -29.93 -27.25
CA LYS A 35 -14.65 -30.85 -28.04
C LYS A 35 -13.18 -30.50 -27.85
N LEU A 36 -12.39 -31.50 -27.45
CA LEU A 36 -10.97 -31.30 -27.20
C LEU A 36 -10.15 -31.55 -28.47
N PHE A 37 -8.86 -31.18 -28.39
CA PHE A 37 -7.99 -31.14 -29.56
C PHE A 37 -7.96 -32.45 -30.32
N ASP A 38 -8.23 -33.58 -29.65
CA ASP A 38 -8.19 -34.89 -30.31
C ASP A 38 -9.55 -35.36 -30.76
N GLY A 39 -10.54 -34.47 -30.76
CA GLY A 39 -11.90 -34.84 -31.09
C GLY A 39 -12.71 -35.44 -29.95
N SER A 40 -12.09 -35.73 -28.82
CA SER A 40 -12.83 -36.27 -27.68
C SER A 40 -13.69 -35.18 -27.03
N LEU A 41 -14.66 -35.62 -26.23
CA LEU A 41 -15.66 -34.75 -25.64
C LEU A 41 -15.50 -34.71 -24.14
N ALA A 42 -15.46 -33.50 -23.56
CA ALA A 42 -15.41 -33.30 -22.12
C ALA A 42 -16.52 -32.35 -21.70
N TRP A 43 -16.85 -32.38 -20.42
CA TRP A 43 -17.84 -31.47 -19.85
C TRP A 43 -17.16 -30.21 -19.35
N LEU A 44 -17.81 -29.06 -19.58
CA LEU A 44 -17.30 -27.76 -19.15
C LEU A 44 -18.27 -27.16 -18.14
N VAL A 45 -17.77 -26.81 -16.98
CA VAL A 45 -18.55 -26.29 -15.87
C VAL A 45 -18.17 -24.83 -15.68
N THR A 46 -19.17 -23.94 -15.60
CA THR A 46 -18.91 -22.51 -15.70
C THR A 46 -19.35 -21.69 -14.49
N LYS A 47 -20.25 -22.20 -13.65
CA LYS A 47 -20.79 -21.41 -12.56
C LYS A 47 -19.99 -21.67 -11.28
N HIS A 48 -19.83 -20.59 -10.48
CA HIS A 48 -19.03 -20.68 -9.26
C HIS A 48 -19.43 -21.87 -8.39
N LYS A 49 -20.74 -22.03 -8.11
CA LYS A 49 -21.16 -23.12 -7.23
C LYS A 49 -20.76 -24.48 -7.79
N ASP A 50 -20.86 -24.65 -9.12
CA ASP A 50 -20.58 -25.94 -9.74
C ASP A 50 -19.08 -26.20 -9.81
N VAL A 51 -18.28 -25.15 -10.04
CA VAL A 51 -16.84 -25.29 -10.01
C VAL A 51 -16.37 -25.76 -8.62
N CYS A 52 -16.95 -25.21 -7.55
CA CYS A 52 -16.58 -25.68 -6.21
C CYS A 52 -16.94 -27.15 -6.02
N PHE A 53 -18.11 -27.56 -6.51
CA PHE A 53 -18.48 -28.96 -6.45
C PHE A 53 -17.45 -29.82 -7.18
N VAL A 54 -17.10 -29.44 -8.42
CA VAL A 54 -16.13 -30.23 -9.18
C VAL A 54 -14.80 -30.33 -8.42
N ALA A 55 -14.38 -29.23 -7.80
CA ALA A 55 -13.09 -29.20 -7.10
C ALA A 55 -13.07 -30.06 -5.86
N THR A 56 -14.23 -30.40 -5.29
CA THR A 56 -14.24 -31.14 -4.02
C THR A 56 -14.87 -32.52 -4.11
N SER A 57 -15.56 -32.85 -5.20
CA SER A 57 -16.27 -34.13 -5.28
C SER A 57 -15.32 -35.30 -5.20
N GLU A 58 -15.55 -36.19 -4.24
CA GLU A 58 -14.78 -37.40 -4.10
C GLU A 58 -15.15 -38.47 -5.13
N LYS A 59 -16.16 -38.23 -5.95
CA LYS A 59 -16.46 -39.08 -7.10
C LYS A 59 -15.60 -38.79 -8.31
N LEU A 60 -14.76 -37.76 -8.24
CA LEU A 60 -13.95 -37.29 -9.36
C LEU A 60 -12.48 -37.51 -9.06
N SER A 61 -11.67 -37.67 -10.11
CA SER A 61 -10.27 -38.07 -9.96
C SER A 61 -9.37 -37.13 -10.75
N LYS A 62 -8.14 -36.97 -10.25
CA LYS A 62 -7.11 -36.27 -10.98
C LYS A 62 -6.11 -37.21 -11.63
N VAL A 63 -6.27 -38.52 -11.46
CA VAL A 63 -5.29 -39.48 -11.96
C VAL A 63 -5.39 -39.54 -13.48
N ARG A 64 -4.30 -39.24 -14.16
CA ARG A 64 -4.32 -39.01 -15.59
C ARG A 64 -4.21 -40.29 -16.41
N THR A 65 -4.00 -41.44 -15.77
CA THR A 65 -4.07 -42.70 -16.50
C THR A 65 -5.48 -43.29 -16.49
N ARG A 66 -6.42 -42.63 -15.84
CA ARG A 66 -7.80 -43.06 -15.95
C ARG A 66 -8.38 -42.69 -17.31
N GLN A 67 -9.30 -43.52 -17.77
CA GLN A 67 -9.99 -43.29 -19.02
C GLN A 67 -10.74 -41.97 -19.00
N GLY A 68 -10.64 -41.22 -20.08
CA GLY A 68 -11.40 -40.01 -20.25
C GLY A 68 -10.78 -38.76 -19.68
N PHE A 69 -9.55 -38.82 -19.15
CA PHE A 69 -8.98 -37.61 -18.57
C PHE A 69 -8.85 -36.55 -19.66
N PRO A 70 -9.23 -35.32 -19.38
CA PRO A 70 -9.24 -34.29 -20.43
C PRO A 70 -7.89 -33.60 -20.62
N GLU A 71 -6.96 -34.27 -21.31
CA GLU A 71 -5.74 -33.60 -21.76
C GLU A 71 -6.09 -32.59 -22.84
N LEU A 72 -5.45 -31.43 -22.81
CA LEU A 72 -5.81 -30.33 -23.70
C LEU A 72 -4.86 -30.17 -24.88
N SER A 73 -3.80 -30.96 -24.94
CA SER A 73 -2.81 -30.89 -26.00
C SER A 73 -2.15 -32.26 -26.13
N ALA A 74 -1.41 -32.45 -27.23
CA ALA A 74 -0.71 -33.71 -27.41
C ALA A 74 0.45 -33.86 -26.42
N SER A 75 1.08 -32.75 -26.01
CA SER A 75 2.14 -32.84 -25.00
C SER A 75 1.59 -33.32 -23.67
N GLY A 76 0.36 -32.95 -23.32
CA GLY A 76 -0.23 -33.41 -22.07
C GLY A 76 -0.49 -34.90 -22.06
N LYS A 77 -0.93 -35.45 -23.20
CA LYS A 77 -1.08 -36.89 -23.28
C LYS A 77 0.26 -37.60 -23.13
N GLN A 78 1.32 -36.97 -23.65
CA GLN A 78 2.68 -37.47 -23.40
C GLN A 78 3.00 -37.39 -21.91
N ALA A 79 2.79 -36.23 -21.30
CA ALA A 79 3.15 -36.04 -19.89
C ALA A 79 2.39 -37.00 -18.98
N ALA A 80 1.22 -37.46 -19.41
CA ALA A 80 0.43 -38.38 -18.60
C ALA A 80 1.10 -39.74 -18.43
N LYS A 81 2.16 -40.02 -19.19
CA LYS A 81 2.87 -41.30 -19.11
C LYS A 81 3.90 -41.32 -17.98
N ALA A 82 4.39 -40.15 -17.56
CA ALA A 82 5.43 -40.08 -16.55
C ALA A 82 4.85 -40.37 -15.16
N LYS A 83 5.75 -40.62 -14.22
CA LYS A 83 5.33 -40.90 -12.84
C LYS A 83 4.76 -39.65 -12.22
N PRO A 84 3.60 -39.70 -11.57
CA PRO A 84 2.96 -38.48 -11.07
C PRO A 84 3.54 -38.02 -9.75
N THR A 85 3.49 -36.70 -9.56
CA THR A 85 3.66 -36.01 -8.29
C THR A 85 2.28 -35.63 -7.76
N PHE A 86 2.25 -34.93 -6.62
CA PHE A 86 1.00 -34.80 -5.89
C PHE A 86 -0.05 -33.99 -6.66
N VAL A 87 0.35 -33.19 -7.64
CA VAL A 87 -0.63 -32.40 -8.41
C VAL A 87 -1.59 -33.32 -9.16
N ASP A 88 -1.15 -34.52 -9.51
CA ASP A 88 -1.96 -35.46 -10.27
C ASP A 88 -2.44 -36.66 -9.44
N MET A 89 -2.52 -36.51 -8.12
CA MET A 89 -2.90 -37.63 -7.25
C MET A 89 -4.23 -37.37 -6.55
N ASP A 90 -4.90 -38.45 -6.19
CA ASP A 90 -6.10 -38.52 -5.35
C ASP A 90 -5.71 -38.87 -3.91
N PRO A 91 -6.60 -38.64 -2.94
CA PRO A 91 -6.33 -39.13 -1.59
C PRO A 91 -6.22 -40.64 -1.60
N PRO A 92 -5.41 -41.22 -0.70
CA PRO A 92 -4.62 -40.58 0.35
C PRO A 92 -3.20 -40.22 -0.11
N GLU A 93 -2.85 -40.63 -1.33
CA GLU A 93 -1.51 -40.36 -1.84
C GLU A 93 -1.27 -38.86 -1.96
N HIS A 94 -2.30 -38.10 -2.30
CA HIS A 94 -2.14 -36.67 -2.58
C HIS A 94 -1.52 -35.95 -1.38
N MET A 95 -2.17 -36.00 -0.21
CA MET A 95 -1.64 -35.28 0.94
C MET A 95 -0.46 -35.99 1.56
N HIS A 96 -0.30 -37.30 1.32
CA HIS A 96 0.90 -37.99 1.77
C HIS A 96 2.15 -37.29 1.23
N GLN A 97 2.15 -36.99 -0.06
CA GLN A 97 3.29 -36.30 -0.65
C GLN A 97 3.21 -34.80 -0.47
N ARG A 98 2.02 -34.20 -0.66
CA ARG A 98 1.93 -32.75 -0.53
C ARG A 98 2.38 -32.29 0.85
N SER A 99 2.07 -33.08 1.90
CA SER A 99 2.49 -32.71 3.24
C SER A 99 4.01 -32.71 3.40
N MET A 100 4.75 -33.34 2.49
CA MET A 100 6.21 -33.32 2.62
C MET A 100 6.79 -31.94 2.37
N VAL A 101 6.11 -31.10 1.59
CA VAL A 101 6.63 -29.77 1.24
C VAL A 101 5.74 -28.63 1.73
N GLU A 102 4.56 -28.92 2.27
CA GLU A 102 3.66 -27.86 2.71
C GLU A 102 4.22 -26.95 3.80
N PRO A 103 5.05 -27.41 4.75
CA PRO A 103 5.49 -26.52 5.85
C PRO A 103 6.08 -25.18 5.42
N THR A 104 6.81 -25.13 4.30
CA THR A 104 7.36 -23.87 3.84
C THR A 104 6.29 -22.88 3.38
N PHE A 105 5.08 -23.36 3.09
CA PHE A 105 4.04 -22.53 2.49
C PHE A 105 2.89 -22.15 3.44
N THR A 106 2.95 -22.56 4.70
CA THR A 106 1.91 -22.20 5.65
C THR A 106 1.90 -20.69 5.90
N PRO A 107 0.74 -20.14 6.31
CA PRO A 107 0.67 -18.70 6.62
C PRO A 107 1.73 -18.23 7.59
N GLU A 108 2.06 -19.06 8.59
CA GLU A 108 3.08 -18.69 9.56
C GLU A 108 4.46 -18.65 8.90
N ALA A 109 4.79 -19.67 8.10
CA ALA A 109 6.05 -19.70 7.39
C ALA A 109 6.18 -18.52 6.43
N VAL A 110 5.10 -18.20 5.71
CA VAL A 110 5.14 -17.07 4.79
C VAL A 110 5.27 -15.75 5.56
N LYS A 111 4.61 -15.65 6.72
CA LYS A 111 4.82 -14.49 7.59
C LYS A 111 6.30 -14.29 7.89
N ASN A 112 6.99 -15.36 8.32
CA ASN A 112 8.40 -15.25 8.64
C ASN A 112 9.27 -14.95 7.42
N LEU A 113 8.79 -15.25 6.21
CA LEU A 113 9.55 -14.93 5.00
C LEU A 113 9.39 -13.48 4.55
N GLN A 114 8.48 -12.72 5.17
CA GLN A 114 8.21 -11.38 4.67
C GLN A 114 9.44 -10.49 4.59
N PRO A 115 10.36 -10.48 5.57
CA PRO A 115 11.58 -9.67 5.38
C PRO A 115 12.38 -10.06 4.14
N TYR A 116 12.47 -11.36 3.86
CA TYR A 116 13.20 -11.81 2.68
C TYR A 116 12.45 -11.47 1.40
N ILE A 117 11.12 -11.55 1.42
CA ILE A 117 10.35 -11.17 0.23
C ILE A 117 10.52 -9.69 -0.06
N GLN A 118 10.44 -8.86 0.99
CA GLN A 118 10.64 -7.41 0.82
C GLN A 118 12.04 -7.09 0.33
N ARG A 119 13.05 -7.75 0.89
CA ARG A 119 14.43 -7.52 0.47
C ARG A 119 14.59 -7.84 -1.01
N THR A 120 14.04 -8.96 -1.46
CA THR A 120 14.15 -9.40 -2.84
C THR A 120 13.51 -8.37 -3.78
N VAL A 121 12.31 -7.91 -3.43
CA VAL A 121 11.64 -6.89 -4.22
C VAL A 121 12.43 -5.59 -4.23
N ASP A 122 12.92 -5.16 -3.06
CA ASP A 122 13.67 -3.91 -2.99
C ASP A 122 14.97 -3.98 -3.80
N ASP A 123 15.70 -5.10 -3.68
CA ASP A 123 16.95 -5.22 -4.41
C ASP A 123 16.72 -5.16 -5.93
N LEU A 124 15.67 -5.83 -6.41
CA LEU A 124 15.41 -5.84 -7.84
C LEU A 124 14.93 -4.48 -8.33
N LEU A 125 14.13 -3.79 -7.52
CA LEU A 125 13.71 -2.43 -7.91
C LEU A 125 14.91 -1.49 -7.98
N GLU A 126 15.84 -1.62 -7.03
CA GLU A 126 17.02 -0.75 -7.02
C GLU A 126 17.92 -1.05 -8.21
N GLN A 127 18.05 -2.33 -8.59
CA GLN A 127 18.78 -2.66 -9.81
C GLN A 127 18.11 -2.03 -11.03
N MET A 128 16.79 -2.09 -11.09
CA MET A 128 16.07 -1.48 -12.21
C MET A 128 16.29 0.02 -12.23
N LYS A 129 16.31 0.65 -11.05
CA LYS A 129 16.55 2.08 -10.93
C LYS A 129 17.94 2.44 -11.42
N GLN A 130 18.94 1.66 -11.02
CA GLN A 130 20.31 1.95 -11.45
C GLN A 130 20.47 1.74 -12.95
N LYS A 131 19.87 0.68 -13.50
CA LYS A 131 19.87 0.47 -14.94
C LYS A 131 19.25 1.66 -15.66
N GLY A 132 18.11 2.13 -15.16
CA GLY A 132 17.48 3.33 -15.68
C GLY A 132 16.71 3.07 -16.96
N CYS A 133 16.12 4.16 -17.48
CA CYS A 133 15.44 4.15 -18.76
C CYS A 133 15.88 5.36 -19.58
N ALA A 134 17.13 5.78 -19.41
CA ALA A 134 17.66 6.97 -20.08
C ALA A 134 17.85 6.77 -21.58
N ASN A 135 17.81 5.54 -22.08
CA ASN A 135 18.04 5.30 -23.50
C ASN A 135 16.81 4.67 -24.16
N GLY A 136 15.64 4.77 -23.54
CA GLY A 136 14.44 4.17 -24.06
C GLY A 136 13.77 3.30 -23.01
N PRO A 137 12.55 2.84 -23.31
CA PRO A 137 11.81 2.01 -22.35
C PRO A 137 12.55 0.72 -22.03
N VAL A 138 12.31 0.20 -20.81
CA VAL A 138 12.80 -1.13 -20.44
C VAL A 138 11.60 -2.06 -20.27
N ASP A 139 11.86 -3.35 -20.40
CA ASP A 139 10.81 -4.36 -20.27
C ASP A 139 10.62 -4.69 -18.79
N LEU A 140 9.47 -4.30 -18.25
CA LEU A 140 9.19 -4.59 -16.84
C LEU A 140 9.18 -6.09 -16.56
N VAL A 141 8.80 -6.92 -17.55
CA VAL A 141 8.83 -8.37 -17.34
C VAL A 141 10.26 -8.84 -17.10
N LYS A 142 11.17 -8.52 -18.03
CA LYS A 142 12.57 -8.95 -17.88
C LYS A 142 13.21 -8.35 -16.63
N GLU A 143 12.98 -7.07 -16.38
CA GLU A 143 13.69 -6.41 -15.29
C GLU A 143 13.12 -6.71 -13.92
N PHE A 144 11.87 -7.16 -13.81
CA PHE A 144 11.24 -7.15 -12.50
C PHE A 144 10.24 -8.28 -12.32
N ALA A 145 9.24 -8.33 -13.21
CA ALA A 145 8.15 -9.30 -13.04
C ALA A 145 8.67 -10.74 -13.13
N LEU A 146 9.71 -10.98 -13.92
CA LEU A 146 10.25 -12.33 -14.04
C LEU A 146 11.17 -12.67 -12.86
N PRO A 147 12.16 -11.82 -12.52
CA PRO A 147 13.07 -12.24 -11.44
C PRO A 147 12.47 -12.29 -10.05
N VAL A 148 11.43 -11.51 -9.72
CA VAL A 148 10.89 -11.52 -8.36
C VAL A 148 10.40 -12.92 -7.96
N PRO A 149 9.45 -13.54 -8.67
CA PRO A 149 9.04 -14.90 -8.27
C PRO A 149 10.10 -15.96 -8.53
N SER A 150 10.90 -15.79 -9.60
CA SER A 150 11.94 -16.76 -9.93
C SER A 150 12.98 -16.84 -8.83
N TYR A 151 13.52 -15.69 -8.42
CA TYR A 151 14.54 -15.68 -7.36
C TYR A 151 13.99 -16.25 -6.07
N ILE A 152 12.73 -15.95 -5.75
CA ILE A 152 12.17 -16.41 -4.48
C ILE A 152 11.99 -17.93 -4.48
N ILE A 153 11.32 -18.50 -5.49
CA ILE A 153 11.09 -19.94 -5.44
C ILE A 153 12.42 -20.70 -5.56
N TYR A 154 13.35 -20.22 -6.39
CA TYR A 154 14.64 -20.89 -6.49
C TYR A 154 15.39 -20.85 -5.17
N THR A 155 15.36 -19.70 -4.50
CA THR A 155 16.02 -19.59 -3.20
C THR A 155 15.36 -20.51 -2.18
N LEU A 156 14.02 -20.60 -2.21
CA LEU A 156 13.36 -21.51 -1.28
C LEU A 156 13.71 -22.96 -1.55
N LEU A 157 13.92 -23.33 -2.82
CA LEU A 157 14.24 -24.71 -3.13
C LEU A 157 15.66 -25.05 -2.72
N GLY A 158 16.57 -24.07 -2.80
CA GLY A 158 17.94 -24.29 -2.39
C GLY A 158 19.01 -23.83 -3.37
N VAL A 159 18.62 -23.14 -4.43
CA VAL A 159 19.59 -22.61 -5.38
C VAL A 159 20.42 -21.51 -4.73
N PRO A 160 21.75 -21.56 -4.82
CA PRO A 160 22.57 -20.46 -4.30
C PRO A 160 22.45 -19.23 -5.18
N PHE A 161 22.75 -18.08 -4.55
CA PHE A 161 22.63 -16.79 -5.21
C PHE A 161 23.27 -16.77 -6.60
N ASN A 162 24.50 -17.27 -6.73
CA ASN A 162 25.25 -17.12 -7.98
C ASN A 162 24.63 -17.89 -9.15
N ASP A 163 23.73 -18.84 -8.90
CA ASP A 163 23.12 -19.60 -9.98
C ASP A 163 21.74 -19.07 -10.40
N LEU A 164 21.20 -18.07 -9.68
CA LEU A 164 19.80 -17.68 -9.88
C LEU A 164 19.54 -17.15 -11.28
N GLU A 165 20.42 -16.31 -11.80
CA GLU A 165 20.09 -15.60 -13.02
C GLU A 165 20.02 -16.55 -14.21
N TYR A 166 20.97 -17.48 -14.29
CA TYR A 166 20.97 -18.42 -15.40
C TYR A 166 19.73 -19.31 -15.36
N LEU A 167 19.41 -19.84 -14.18
CA LEU A 167 18.24 -20.71 -14.09
C LEU A 167 16.95 -19.92 -14.30
N THR A 168 16.95 -18.64 -13.95
CA THR A 168 15.79 -17.80 -14.20
C THR A 168 15.55 -17.66 -15.71
N GLN A 169 16.61 -17.47 -16.48
CA GLN A 169 16.44 -17.34 -17.93
C GLN A 169 16.08 -18.68 -18.58
N GLN A 170 16.67 -19.78 -18.10
CA GLN A 170 16.34 -21.10 -18.67
C GLN A 170 14.87 -21.44 -18.44
N ASN A 171 14.37 -21.19 -17.23
CA ASN A 171 12.96 -21.45 -16.98
C ASN A 171 12.06 -20.54 -17.83
N ALA A 172 12.50 -19.31 -18.08
CA ALA A 172 11.71 -18.42 -18.92
C ALA A 172 11.68 -18.90 -20.37
N ILE A 173 12.82 -19.41 -20.85
CA ILE A 173 12.89 -19.98 -22.19
C ILE A 173 11.94 -21.16 -22.32
N ARG A 174 11.77 -21.90 -21.23
CA ARG A 174 10.94 -23.10 -21.24
CA ARG A 174 10.94 -23.10 -21.25
C ARG A 174 9.52 -22.80 -21.71
N THR A 175 8.96 -21.65 -21.30
CA THR A 175 7.58 -21.33 -21.65
C THR A 175 7.44 -20.15 -22.60
N ASN A 176 8.53 -19.55 -23.03
CA ASN A 176 8.43 -18.39 -23.89
C ASN A 176 7.81 -18.77 -25.22
N GLY A 177 6.83 -17.98 -25.66
CA GLY A 177 6.11 -18.28 -26.89
C GLY A 177 6.96 -18.23 -28.14
N SER A 178 8.13 -17.60 -28.08
CA SER A 178 9.00 -17.48 -29.25
C SER A 178 10.04 -18.60 -29.33
N SER A 179 10.09 -19.48 -28.35
CA SER A 179 11.07 -20.57 -28.37
C SER A 179 10.65 -21.64 -29.36
N THR A 180 11.62 -22.17 -30.09
CA THR A 180 11.36 -23.40 -30.83
C THR A 180 11.17 -24.56 -29.85
N ALA A 181 10.63 -25.67 -30.37
CA ALA A 181 10.46 -26.85 -29.54
C ALA A 181 11.79 -27.35 -29.01
N ARG A 182 12.83 -27.26 -29.84
CA ARG A 182 14.16 -27.68 -29.40
C ARG A 182 14.71 -26.79 -28.30
N GLU A 183 14.51 -25.47 -28.44
CA GLU A 183 14.97 -24.54 -27.42
C GLU A 183 14.28 -24.79 -26.09
N ALA A 184 12.97 -25.05 -26.14
CA ALA A 184 12.20 -25.24 -24.91
C ALA A 184 12.59 -26.54 -24.21
N SER A 185 12.76 -27.62 -24.98
CA SER A 185 13.15 -28.90 -24.40
C SER A 185 14.56 -28.83 -23.83
N ALA A 186 15.47 -28.14 -24.51
CA ALA A 186 16.82 -27.99 -23.99
C ALA A 186 16.81 -27.27 -22.65
N ALA A 187 16.06 -26.17 -22.55
CA ALA A 187 15.97 -25.42 -21.29
C ALA A 187 15.34 -26.27 -20.21
N ASN A 188 14.33 -27.06 -20.59
CA ASN A 188 13.69 -27.98 -19.65
C ASN A 188 14.67 -29.01 -19.10
N GLN A 189 15.49 -29.60 -19.97
CA GLN A 189 16.47 -30.58 -19.48
C GLN A 189 17.54 -29.90 -18.63
N GLU A 190 17.89 -28.65 -18.96
CA GLU A 190 18.84 -27.91 -18.14
C GLU A 190 18.36 -27.78 -16.70
N LEU A 191 17.05 -27.53 -16.50
CA LEU A 191 16.48 -27.42 -15.16
C LEU A 191 16.51 -28.76 -14.43
N LEU A 192 16.07 -29.83 -15.11
CA LEU A 192 16.08 -31.16 -14.51
C LEU A 192 17.50 -31.59 -14.16
N ASP A 193 18.44 -31.41 -15.09
CA ASP A 193 19.83 -31.78 -14.81
C ASP A 193 20.37 -31.02 -13.60
N TYR A 194 20.03 -29.74 -13.48
CA TYR A 194 20.54 -28.96 -12.35
C TYR A 194 19.94 -29.41 -11.04
N LEU A 195 18.63 -29.68 -11.01
CA LEU A 195 18.00 -30.09 -9.76
C LEU A 195 18.51 -31.44 -9.31
N ALA A 196 18.85 -32.33 -10.24
CA ALA A 196 19.47 -33.60 -9.86
C ALA A 196 20.78 -33.37 -9.14
N ILE A 197 21.62 -32.48 -9.68
CA ILE A 197 22.90 -32.16 -9.05
C ILE A 197 22.69 -31.59 -7.66
N LEU A 198 21.72 -30.68 -7.53
CA LEU A 198 21.44 -30.05 -6.25
C LEU A 198 20.92 -31.06 -5.23
N VAL A 199 20.06 -32.00 -5.68
CA VAL A 199 19.59 -33.04 -4.76
C VAL A 199 20.76 -33.86 -4.25
N GLU A 200 21.69 -34.25 -5.14
CA GLU A 200 22.85 -35.02 -4.69
C GLU A 200 23.64 -34.27 -3.63
N GLN A 201 23.81 -32.96 -3.80
CA GLN A 201 24.64 -32.21 -2.85
C GLN A 201 23.97 -32.11 -1.50
N ARG A 202 22.66 -31.88 -1.47
CA ARG A 202 21.95 -31.76 -0.20
C ARG A 202 21.76 -33.10 0.49
N LEU A 203 21.84 -34.21 -0.25
CA LEU A 203 21.90 -35.52 0.40
C LEU A 203 23.19 -35.66 1.21
N VAL A 204 24.28 -35.06 0.74
CA VAL A 204 25.57 -35.14 1.45
C VAL A 204 25.66 -34.09 2.55
N GLU A 205 25.34 -32.83 2.23
CA GLU A 205 25.29 -31.75 3.20
C GLU A 205 23.98 -30.98 3.06
N PRO A 206 22.98 -31.30 3.87
CA PRO A 206 21.74 -30.51 3.83
C PRO A 206 21.96 -29.10 4.34
N LYS A 207 21.15 -28.19 3.80
CA LYS A 207 21.13 -26.79 4.24
C LYS A 207 19.70 -26.44 4.63
N ASP A 208 19.40 -25.16 4.75
CA ASP A 208 18.08 -24.70 5.13
C ASP A 208 17.29 -24.37 3.86
N ASP A 209 16.71 -25.42 3.25
CA ASP A 209 15.93 -25.21 2.03
C ASP A 209 15.01 -26.40 1.83
N ILE A 210 14.11 -26.28 0.84
CA ILE A 210 13.08 -27.29 0.65
C ILE A 210 13.70 -28.62 0.20
N ILE A 211 14.66 -28.56 -0.72
CA ILE A 211 15.26 -29.80 -1.22
C ILE A 211 15.96 -30.53 -0.08
N SER A 212 16.60 -29.78 0.83
CA SER A 212 17.27 -30.42 1.96
C SER A 212 16.27 -31.10 2.88
N LYS A 213 15.14 -30.43 3.14
CA LYS A 213 14.11 -31.08 3.94
C LYS A 213 13.64 -32.37 3.29
N LEU A 214 13.44 -32.36 1.97
CA LEU A 214 13.04 -33.58 1.27
C LEU A 214 14.11 -34.66 1.42
N CYS A 215 15.38 -34.29 1.26
CA CYS A 215 16.45 -35.26 1.34
C CYS A 215 16.55 -35.88 2.73
N THR A 216 16.51 -35.05 3.77
CA THR A 216 16.69 -35.58 5.12
C THR A 216 15.44 -36.29 5.62
N GLU A 217 14.26 -35.71 5.38
CA GLU A 217 13.03 -36.20 5.97
C GLU A 217 12.32 -37.28 5.14
N GLN A 218 12.63 -37.41 3.85
CA GLN A 218 11.88 -38.34 3.02
C GLN A 218 12.78 -39.24 2.18
N VAL A 219 13.80 -38.68 1.52
CA VAL A 219 14.66 -39.50 0.66
C VAL A 219 15.49 -40.49 1.49
N LYS A 220 16.23 -39.99 2.47
CA LYS A 220 17.10 -40.87 3.24
C LYS A 220 16.33 -41.93 4.02
N PRO A 221 15.20 -41.62 4.68
CA PRO A 221 14.41 -42.70 5.31
C PRO A 221 13.76 -43.64 4.31
N GLY A 222 13.77 -43.31 3.03
CA GLY A 222 13.21 -44.19 2.02
C GLY A 222 11.74 -43.99 1.71
N ASN A 223 11.17 -42.86 2.12
CA ASN A 223 9.76 -42.58 1.80
C ASN A 223 9.59 -42.25 0.32
N ILE A 224 10.57 -41.55 -0.26
CA ILE A 224 10.68 -41.33 -1.70
C ILE A 224 12.15 -41.55 -2.06
N ASP A 225 12.44 -41.57 -3.36
CA ASP A 225 13.84 -41.63 -3.78
C ASP A 225 14.26 -40.31 -4.40
N LYS A 226 15.55 -40.21 -4.76
CA LYS A 226 16.09 -38.91 -5.15
C LYS A 226 15.50 -38.40 -6.46
N SER A 227 15.08 -39.29 -7.36
CA SER A 227 14.41 -38.81 -8.58
C SER A 227 13.04 -38.23 -8.27
N ASP A 228 12.32 -38.79 -7.28
CA ASP A 228 11.08 -38.17 -6.83
C ASP A 228 11.33 -36.77 -6.27
N ALA A 229 12.42 -36.62 -5.50
CA ALA A 229 12.72 -35.31 -4.94
C ALA A 229 12.97 -34.30 -6.05
N VAL A 230 13.64 -34.71 -7.12
CA VAL A 230 13.80 -33.84 -8.29
C VAL A 230 12.44 -33.47 -8.88
N GLN A 231 11.58 -34.47 -9.08
CA GLN A 231 10.31 -34.19 -9.73
CA GLN A 231 10.27 -34.24 -9.70
C GLN A 231 9.42 -33.29 -8.87
N ILE A 232 9.48 -33.42 -7.54
CA ILE A 232 8.67 -32.58 -6.68
C ILE A 232 9.20 -31.15 -6.68
N ALA A 233 10.53 -31.02 -6.62
CA ALA A 233 11.15 -29.69 -6.73
C ALA A 233 10.83 -29.04 -8.08
N PHE A 234 10.86 -29.83 -9.15
CA PHE A 234 10.55 -29.31 -10.47
C PHE A 234 9.10 -28.81 -10.53
N LEU A 235 8.17 -29.56 -9.93
CA LEU A 235 6.78 -29.13 -9.87
C LEU A 235 6.63 -27.79 -9.15
N LEU A 236 7.25 -27.65 -7.97
CA LEU A 236 7.14 -26.40 -7.22
C LEU A 236 7.67 -25.22 -8.04
N LEU A 237 8.77 -25.43 -8.78
CA LEU A 237 9.27 -24.41 -9.69
C LEU A 237 8.24 -24.09 -10.78
N VAL A 238 7.87 -25.09 -11.58
CA VAL A 238 7.17 -24.77 -12.83
C VAL A 238 5.68 -24.56 -12.63
N ALA A 239 5.11 -25.09 -11.54
CA ALA A 239 3.65 -24.97 -11.37
C ALA A 239 3.21 -23.51 -11.31
N GLY A 240 3.97 -22.65 -10.65
CA GLY A 240 3.47 -21.31 -10.41
C GLY A 240 4.25 -20.13 -10.96
N ASN A 241 5.45 -20.35 -11.51
CA ASN A 241 6.32 -19.20 -11.79
C ASN A 241 5.79 -18.35 -12.95
N ALA A 242 5.50 -18.97 -14.09
CA ALA A 242 4.99 -18.19 -15.22
C ALA A 242 3.69 -17.46 -14.87
N THR A 243 2.86 -18.07 -14.01
CA THR A 243 1.64 -17.40 -13.57
C THR A 243 1.97 -16.18 -12.72
N MET A 244 2.93 -16.31 -11.80
CA MET A 244 3.33 -15.16 -10.98
C MET A 244 3.81 -14.01 -11.86
N VAL A 245 4.65 -14.31 -12.86
CA VAL A 245 5.15 -13.25 -13.75
C VAL A 245 3.97 -12.54 -14.41
N ASN A 246 3.02 -13.32 -14.94
CA ASN A 246 1.87 -12.72 -15.62
C ASN A 246 1.02 -11.90 -14.65
N MET A 247 0.86 -12.36 -13.41
CA MET A 247 0.03 -11.61 -12.47
C MET A 247 0.65 -10.24 -12.17
N ILE A 248 1.97 -10.17 -12.06
CA ILE A 248 2.61 -8.90 -11.78
C ILE A 248 2.45 -7.95 -12.96
N ALA A 249 2.74 -8.44 -14.17
CA ALA A 249 2.58 -7.62 -15.37
C ALA A 249 1.14 -7.18 -15.56
N LEU A 250 0.19 -8.10 -15.34
CA LEU A 250 -1.21 -7.75 -15.50
C LEU A 250 -1.64 -6.69 -14.47
N GLY A 251 -1.12 -6.80 -13.25
CA GLY A 251 -1.44 -5.80 -12.24
C GLY A 251 -0.99 -4.41 -12.63
N VAL A 252 0.21 -4.29 -13.20
CA VAL A 252 0.70 -2.99 -13.66
C VAL A 252 -0.16 -2.45 -14.79
N ALA A 253 -0.45 -3.30 -15.78
CA ALA A 253 -1.32 -2.89 -16.89
C ALA A 253 -2.72 -2.51 -16.38
N THR A 254 -3.25 -3.27 -15.42
CA THR A 254 -4.59 -2.98 -14.92
C THR A 254 -4.65 -1.61 -14.24
N LEU A 255 -3.60 -1.29 -13.47
CA LEU A 255 -3.53 0.02 -12.83
C LEU A 255 -3.39 1.14 -13.86
N ALA A 256 -2.61 0.92 -14.92
CA ALA A 256 -2.54 1.92 -16.00
C ALA A 256 -3.91 2.14 -16.65
N GLN A 257 -4.70 1.07 -16.75
CA GLN A 257 -6.04 1.16 -17.32
CA GLN A 257 -6.05 1.15 -17.31
C GLN A 257 -7.06 1.78 -16.36
N HIS A 258 -6.77 1.83 -15.07
CA HIS A 258 -7.69 2.36 -14.06
C HIS A 258 -6.97 3.41 -13.22
N PRO A 259 -6.66 4.57 -13.82
CA PRO A 259 -5.82 5.55 -13.14
C PRO A 259 -6.39 6.05 -11.82
N ASP A 260 -7.71 6.04 -11.65
CA ASP A 260 -8.26 6.47 -10.37
C ASP A 260 -7.87 5.53 -9.24
N GLN A 261 -7.83 4.21 -9.53
CA GLN A 261 -7.43 3.28 -8.49
C GLN A 261 -5.92 3.27 -8.27
N LEU A 262 -5.14 3.51 -9.32
CA LEU A 262 -3.72 3.75 -9.11
C LEU A 262 -3.49 4.96 -8.21
N ALA A 263 -4.28 6.03 -8.42
CA ALA A 263 -4.16 7.19 -7.56
C ALA A 263 -4.43 6.84 -6.10
N GLN A 264 -5.45 6.02 -5.85
CA GLN A 264 -5.71 5.59 -4.48
C GLN A 264 -4.55 4.77 -3.94
N LEU A 265 -3.99 3.87 -4.75
CA LEU A 265 -2.89 3.03 -4.29
C LEU A 265 -1.63 3.86 -3.99
N LYS A 266 -1.34 4.86 -4.82
CA LYS A 266 -0.21 5.74 -4.52
C LYS A 266 -0.45 6.50 -3.23
N ALA A 267 -1.67 7.00 -3.03
CA ALA A 267 -1.95 7.77 -1.84
C ALA A 267 -2.04 6.90 -0.59
N ASN A 268 -2.33 5.61 -0.72
CA ASN A 268 -2.43 4.70 0.42
C ASN A 268 -1.91 3.33 0.01
N PRO A 269 -0.63 3.04 0.29
CA PRO A 269 -0.08 1.72 -0.09
C PRO A 269 -0.69 0.55 0.66
N SER A 270 -1.35 0.79 1.79
CA SER A 270 -2.00 -0.29 2.50
C SER A 270 -3.23 -0.84 1.77
N LEU A 271 -3.60 -0.27 0.63
CA LEU A 271 -4.64 -0.86 -0.20
C LEU A 271 -4.11 -1.99 -1.08
N ALA A 272 -2.81 -2.27 -1.01
CA ALA A 272 -2.26 -3.35 -1.82
C ALA A 272 -2.98 -4.69 -1.62
N PRO A 273 -3.26 -5.15 -0.39
CA PRO A 273 -3.94 -6.46 -0.26
C PRO A 273 -5.29 -6.52 -0.98
N GLN A 274 -6.12 -5.48 -0.87
CA GLN A 274 -7.40 -5.46 -1.58
C GLN A 274 -7.20 -5.41 -3.08
N PHE A 275 -6.24 -4.61 -3.54
CA PHE A 275 -5.90 -4.61 -4.96
C PHE A 275 -5.57 -6.02 -5.42
N VAL A 276 -4.75 -6.73 -4.64
CA VAL A 276 -4.32 -8.08 -4.98
C VAL A 276 -5.49 -9.06 -4.98
N GLU A 277 -6.40 -8.94 -4.01
CA GLU A 277 -7.59 -9.80 -4.03
C GLU A 277 -8.39 -9.61 -5.31
N GLU A 278 -8.57 -8.34 -5.73
CA GLU A 278 -9.37 -8.11 -6.93
C GLU A 278 -8.63 -8.54 -8.19
N LEU A 279 -7.32 -8.27 -8.25
CA LEU A 279 -6.49 -8.75 -9.36
C LEU A 279 -6.63 -10.26 -9.55
N CYS A 280 -6.58 -11.01 -8.44
CA CYS A 280 -6.59 -12.47 -8.58
C CYS A 280 -7.96 -12.99 -8.97
N ARG A 281 -9.04 -12.25 -8.69
CA ARG A 281 -10.35 -12.65 -9.19
C ARG A 281 -10.52 -12.25 -10.64
N TYR A 282 -10.19 -10.99 -10.96
CA TYR A 282 -10.48 -10.42 -12.27
C TYR A 282 -9.60 -11.04 -13.35
N HIS A 283 -8.30 -11.14 -13.10
CA HIS A 283 -7.36 -11.75 -14.03
C HIS A 283 -7.03 -13.15 -13.51
N THR A 284 -7.75 -14.16 -14.03
CA THR A 284 -7.53 -15.55 -13.62
C THR A 284 -6.51 -16.19 -14.58
N ALA A 285 -5.22 -15.95 -14.28
CA ALA A 285 -4.12 -16.32 -15.17
C ALA A 285 -3.85 -17.81 -15.18
N SER A 286 -4.43 -18.58 -14.26
CA SER A 286 -4.38 -20.03 -14.34
C SER A 286 -5.81 -20.55 -14.28
N ALA A 287 -6.37 -20.83 -15.46
CA ALA A 287 -7.79 -21.10 -15.61
C ALA A 287 -8.09 -22.51 -16.11
N LEU A 288 -7.07 -23.35 -16.33
CA LEU A 288 -7.26 -24.67 -16.92
C LEU A 288 -6.76 -25.80 -16.02
N ALA A 289 -6.56 -25.55 -14.73
CA ALA A 289 -5.98 -26.57 -13.88
C ALA A 289 -7.00 -27.44 -13.17
N ILE A 290 -8.28 -27.03 -13.10
CA ILE A 290 -9.27 -27.81 -12.32
C ILE A 290 -9.90 -28.78 -13.31
N LYS A 291 -9.23 -29.90 -13.50
CA LYS A 291 -9.68 -30.94 -14.40
C LYS A 291 -9.85 -32.26 -13.66
N ARG A 292 -10.80 -33.07 -14.12
CA ARG A 292 -11.14 -34.33 -13.47
C ARG A 292 -11.61 -35.33 -14.51
N THR A 293 -11.59 -36.60 -14.14
CA THR A 293 -12.42 -37.60 -14.80
C THR A 293 -13.33 -38.25 -13.78
N ALA A 294 -14.52 -38.67 -14.22
CA ALA A 294 -15.52 -39.22 -13.30
C ALA A 294 -15.20 -40.68 -13.00
N LYS A 295 -15.01 -40.98 -11.71
CA LYS A 295 -14.82 -42.36 -11.24
C LYS A 295 -16.12 -43.15 -11.29
N GLU A 296 -17.25 -42.47 -11.12
CA GLU A 296 -18.57 -43.06 -11.17
C GLU A 296 -19.51 -42.01 -11.71
N ASP A 297 -20.69 -42.43 -12.16
CA ASP A 297 -21.69 -41.48 -12.63
C ASP A 297 -21.91 -40.43 -11.55
N VAL A 298 -22.06 -39.17 -11.96
CA VAL A 298 -22.23 -38.07 -11.02
C VAL A 298 -23.06 -36.99 -11.67
N MET A 299 -24.03 -36.47 -10.94
CA MET A 299 -24.94 -35.44 -11.45
C MET A 299 -24.41 -34.05 -11.10
N ILE A 300 -24.34 -33.18 -12.10
CA ILE A 300 -23.90 -31.81 -11.92
C ILE A 300 -24.92 -30.92 -12.61
N GLY A 301 -25.59 -30.06 -11.84
CA GLY A 301 -26.68 -29.28 -12.40
C GLY A 301 -27.70 -30.21 -13.03
N ASP A 302 -28.09 -29.94 -14.27
CA ASP A 302 -29.09 -30.75 -14.94
C ASP A 302 -28.47 -31.81 -15.85
N LYS A 303 -27.19 -32.12 -15.66
CA LYS A 303 -26.48 -33.07 -16.50
C LYS A 303 -26.03 -34.28 -15.70
N LEU A 304 -26.05 -35.45 -16.35
CA LEU A 304 -25.39 -36.64 -15.80
C LEU A 304 -24.05 -36.85 -16.50
N VAL A 305 -22.96 -36.73 -15.73
CA VAL A 305 -21.62 -37.04 -16.23
C VAL A 305 -21.35 -38.53 -15.95
N ARG A 306 -21.12 -39.29 -17.01
CA ARG A 306 -20.93 -40.73 -16.89
C ARG A 306 -19.53 -41.05 -16.40
N ALA A 307 -19.40 -42.19 -15.72
CA ALA A 307 -18.08 -42.69 -15.35
C ALA A 307 -17.16 -42.68 -16.55
N ASN A 308 -15.91 -42.29 -16.32
CA ASN A 308 -14.85 -42.21 -17.33
C ASN A 308 -15.07 -41.08 -18.34
N GLU A 309 -15.90 -40.08 -18.00
CA GLU A 309 -16.04 -38.88 -18.81
C GLU A 309 -15.28 -37.73 -18.15
N GLY A 310 -14.68 -36.87 -18.98
CA GLY A 310 -13.83 -35.81 -18.46
C GLY A 310 -14.58 -34.52 -18.15
N ILE A 311 -13.99 -33.73 -17.27
CA ILE A 311 -14.61 -32.50 -16.77
C ILE A 311 -13.54 -31.42 -16.65
N ILE A 312 -13.85 -30.22 -17.14
CA ILE A 312 -13.03 -29.03 -16.90
C ILE A 312 -13.90 -27.99 -16.21
N ALA A 313 -13.46 -27.52 -15.04
CA ALA A 313 -14.20 -26.51 -14.28
C ALA A 313 -13.46 -25.18 -14.38
N SER A 314 -14.09 -24.18 -15.02
CA SER A 314 -13.41 -22.91 -15.29
C SER A 314 -13.49 -21.99 -14.08
N ASN A 315 -12.40 -21.90 -13.33
CA ASN A 315 -12.38 -20.93 -12.24
C ASN A 315 -12.36 -19.50 -12.77
N GLN A 316 -11.92 -19.30 -14.01
CA GLN A 316 -11.99 -17.98 -14.62
C GLN A 316 -13.43 -17.53 -14.77
N SER A 317 -14.28 -18.42 -15.26
CA SER A 317 -15.71 -18.12 -15.38
C SER A 317 -16.37 -18.00 -14.01
N ALA A 318 -15.96 -18.83 -13.05
CA ALA A 318 -16.48 -18.73 -11.70
C ALA A 318 -16.22 -17.36 -11.12
N ASN A 319 -15.05 -16.80 -11.40
CA ASN A 319 -14.68 -15.50 -10.87
C ASN A 319 -15.37 -14.32 -11.56
N ARG A 320 -16.07 -14.56 -12.68
CA ARG A 320 -16.94 -13.56 -13.30
C ARG A 320 -18.42 -13.91 -13.13
N ASP A 321 -18.74 -14.83 -12.22
CA ASP A 321 -20.11 -15.30 -12.04
C ASP A 321 -20.95 -14.20 -11.40
N GLU A 322 -21.90 -13.66 -12.17
CA GLU A 322 -22.72 -12.52 -11.75
C GLU A 322 -23.56 -12.84 -10.52
N GLU A 323 -23.82 -14.12 -10.26
CA GLU A 323 -24.60 -14.52 -9.10
C GLU A 323 -23.83 -14.34 -7.80
N VAL A 324 -22.50 -14.34 -7.88
CA VAL A 324 -21.62 -14.27 -6.72
C VAL A 324 -20.97 -12.90 -6.58
N PHE A 325 -20.42 -12.40 -7.67
CA PHE A 325 -19.64 -11.16 -7.69
C PHE A 325 -20.43 -10.10 -8.45
N GLU A 326 -21.01 -9.16 -7.70
CA GLU A 326 -21.78 -8.07 -8.31
C GLU A 326 -20.90 -7.30 -9.28
N ASN A 327 -21.45 -6.99 -10.46
CA ASN A 327 -20.71 -6.32 -11.53
C ASN A 327 -19.36 -6.98 -11.77
N PRO A 328 -19.34 -8.26 -12.17
CA PRO A 328 -18.09 -9.03 -12.17
C PRO A 328 -17.08 -8.59 -13.20
N ASP A 329 -17.49 -7.89 -14.26
CA ASP A 329 -16.58 -7.52 -15.32
C ASP A 329 -15.97 -6.15 -15.11
N GLU A 330 -16.24 -5.52 -13.97
CA GLU A 330 -15.61 -4.27 -13.58
C GLU A 330 -14.49 -4.58 -12.60
N PHE A 331 -13.31 -4.00 -12.84
CA PHE A 331 -12.23 -4.12 -11.87
C PHE A 331 -12.41 -3.05 -10.81
N ASN A 332 -12.55 -3.47 -9.55
CA ASN A 332 -12.85 -2.54 -8.46
C ASN A 332 -12.21 -3.07 -7.18
N MET A 333 -11.03 -2.55 -6.84
CA MET A 333 -10.36 -2.99 -5.62
C MET A 333 -11.09 -2.55 -4.36
N ASN A 334 -12.10 -1.69 -4.49
CA ASN A 334 -12.92 -1.25 -3.37
C ASN A 334 -14.22 -2.04 -3.26
N ARG A 335 -14.35 -3.16 -3.95
CA ARG A 335 -15.63 -3.87 -3.91
C ARG A 335 -15.83 -4.53 -2.56
N LYS A 336 -17.10 -4.68 -2.19
CA LYS A 336 -17.47 -5.46 -1.02
C LYS A 336 -17.56 -6.93 -1.42
N TRP A 337 -16.85 -7.77 -0.70
CA TRP A 337 -16.70 -9.18 -1.05
C TRP A 337 -17.82 -10.01 -0.46
N PRO A 338 -18.39 -10.93 -1.24
CA PRO A 338 -19.44 -11.81 -0.70
C PRO A 338 -18.85 -12.88 0.19
N PRO A 339 -19.69 -13.76 0.77
CA PRO A 339 -19.14 -14.86 1.57
C PRO A 339 -18.33 -15.87 0.76
N GLN A 340 -18.61 -16.01 -0.54
CA GLN A 340 -17.98 -17.03 -1.36
C GLN A 340 -16.56 -16.63 -1.76
N ASP A 341 -15.63 -17.60 -1.64
CA ASP A 341 -14.22 -17.36 -2.02
C ASP A 341 -14.09 -17.09 -3.51
N PRO A 342 -13.27 -16.11 -3.90
CA PRO A 342 -12.78 -16.08 -5.28
C PRO A 342 -11.86 -17.26 -5.52
N LEU A 343 -11.85 -17.78 -6.76
CA LEU A 343 -11.17 -19.03 -7.07
C LEU A 343 -9.93 -18.84 -7.93
N GLY A 344 -9.21 -17.72 -7.78
CA GLY A 344 -7.99 -17.55 -8.54
C GLY A 344 -6.95 -18.64 -8.27
N PHE A 345 -7.01 -19.23 -7.08
CA PHE A 345 -6.06 -20.25 -6.67
C PHE A 345 -6.70 -21.64 -6.59
N GLY A 346 -7.86 -21.82 -7.20
CA GLY A 346 -8.55 -23.10 -7.14
C GLY A 346 -9.33 -23.27 -5.85
N PHE A 347 -9.59 -24.54 -5.50
CA PHE A 347 -10.52 -24.81 -4.41
C PHE A 347 -10.36 -26.26 -3.98
N GLY A 348 -10.64 -26.52 -2.71
CA GLY A 348 -10.63 -27.90 -2.20
C GLY A 348 -9.23 -28.35 -1.85
N ASP A 349 -9.06 -29.68 -1.68
CA ASP A 349 -7.76 -30.19 -1.22
C ASP A 349 -6.61 -29.71 -2.10
N HIS A 350 -6.82 -29.62 -3.41
CA HIS A 350 -5.76 -29.29 -4.35
C HIS A 350 -5.50 -27.79 -4.47
N ARG A 351 -6.22 -26.95 -3.71
CA ARG A 351 -6.03 -25.50 -3.76
C ARG A 351 -4.54 -25.16 -3.69
N CYS A 352 -4.12 -24.18 -4.50
CA CYS A 352 -2.72 -23.85 -4.71
CA CYS A 352 -2.72 -23.85 -4.71
C CYS A 352 -1.93 -23.88 -3.41
N ILE A 353 -0.93 -24.76 -3.35
CA ILE A 353 -0.10 -24.87 -2.17
C ILE A 353 0.54 -23.53 -1.81
N ALA A 354 0.80 -22.67 -2.81
CA ALA A 354 1.53 -21.43 -2.61
C ALA A 354 0.62 -20.20 -2.57
N GLU A 355 -0.65 -20.38 -2.20
CA GLU A 355 -1.58 -19.25 -2.24
C GLU A 355 -1.09 -18.11 -1.33
N HIS A 356 -0.72 -18.43 -0.09
CA HIS A 356 -0.25 -17.39 0.82
C HIS A 356 1.06 -16.78 0.33
N LEU A 357 2.00 -17.63 -0.12
CA LEU A 357 3.24 -17.11 -0.69
C LEU A 357 2.95 -16.16 -1.83
N ALA A 358 2.11 -16.58 -2.77
CA ALA A 358 1.85 -15.76 -3.96
C ALA A 358 1.22 -14.44 -3.58
N LYS A 359 0.23 -14.46 -2.68
CA LYS A 359 -0.39 -13.21 -2.26
C LYS A 359 0.60 -12.30 -1.53
N ALA A 360 1.54 -12.88 -0.77
CA ALA A 360 2.55 -12.05 -0.12
C ALA A 360 3.51 -11.45 -1.14
N GLU A 361 3.88 -12.21 -2.17
CA GLU A 361 4.73 -11.65 -3.22
C GLU A 361 4.00 -10.51 -3.92
N LEU A 362 2.73 -10.73 -4.28
CA LEU A 362 1.98 -9.72 -5.01
C LEU A 362 1.72 -8.49 -4.15
N THR A 363 1.43 -8.70 -2.86
CA THR A 363 1.16 -7.57 -1.97
C THR A 363 2.42 -6.77 -1.73
N THR A 364 3.55 -7.43 -1.53
CA THR A 364 4.81 -6.73 -1.41
C THR A 364 5.08 -5.91 -2.67
N VAL A 365 4.86 -6.51 -3.85
CA VAL A 365 5.12 -5.81 -5.11
C VAL A 365 4.29 -4.53 -5.19
N PHE A 366 2.98 -4.63 -4.96
CA PHE A 366 2.15 -3.48 -5.22
C PHE A 366 2.07 -2.49 -4.06
N SER A 367 2.63 -2.82 -2.89
CA SER A 367 2.78 -1.80 -1.86
C SER A 367 4.12 -1.08 -1.95
N THR A 368 5.03 -1.55 -2.80
CA THR A 368 6.37 -0.98 -2.93
C THR A 368 6.63 -0.34 -4.28
N LEU A 369 6.06 -0.90 -5.36
CA LEU A 369 6.49 -0.52 -6.71
C LEU A 369 6.35 0.98 -6.96
N TYR A 370 5.20 1.57 -6.59
CA TYR A 370 4.96 2.98 -6.88
C TYR A 370 5.51 3.91 -5.80
N GLN A 371 5.92 3.38 -4.64
CA GLN A 371 6.73 4.18 -3.75
C GLN A 371 8.16 4.33 -4.29
N LYS A 372 8.70 3.28 -4.93
CA LYS A 372 10.01 3.40 -5.57
C LYS A 372 9.95 4.23 -6.84
N PHE A 373 8.92 4.00 -7.65
CA PHE A 373 8.75 4.60 -8.97
C PHE A 373 7.38 5.27 -9.04
N PRO A 374 7.22 6.42 -8.38
CA PRO A 374 5.91 7.09 -8.42
C PRO A 374 5.45 7.49 -9.81
N ASP A 375 6.36 7.64 -10.78
CA ASP A 375 5.98 7.99 -12.13
C ASP A 375 6.08 6.82 -13.10
N LEU A 376 6.07 5.60 -12.60
CA LEU A 376 6.08 4.43 -13.48
C LEU A 376 4.94 4.51 -14.48
N LYS A 377 5.27 4.30 -15.75
CA LYS A 377 4.32 4.48 -16.84
C LYS A 377 4.54 3.44 -17.92
N VAL A 378 3.46 2.81 -18.39
CA VAL A 378 3.55 1.92 -19.54
C VAL A 378 3.89 2.75 -20.77
N ALA A 379 4.95 2.38 -21.47
CA ALA A 379 5.51 3.26 -22.50
C ALA A 379 4.85 3.10 -23.86
N VAL A 380 4.04 2.06 -24.06
CA VAL A 380 3.32 1.87 -25.32
C VAL A 380 1.84 2.16 -25.09
N PRO A 381 1.05 2.45 -26.14
CA PRO A 381 -0.39 2.61 -25.92
C PRO A 381 -0.98 1.34 -25.34
N LEU A 382 -1.91 1.50 -24.39
CA LEU A 382 -2.41 0.32 -23.69
C LEU A 382 -3.07 -0.68 -24.64
N GLY A 383 -3.69 -0.20 -25.72
CA GLY A 383 -4.22 -1.11 -26.71
C GLY A 383 -3.18 -1.89 -27.49
N LYS A 384 -1.90 -1.54 -27.33
CA LYS A 384 -0.83 -2.23 -28.03
C LYS A 384 -0.02 -3.13 -27.12
N ILE A 385 -0.46 -3.35 -25.88
CA ILE A 385 0.25 -4.27 -24.99
C ILE A 385 0.32 -5.65 -25.64
N ASN A 386 1.49 -6.25 -25.56
CA ASN A 386 1.76 -7.56 -26.14
C ASN A 386 1.28 -8.65 -25.18
N TYR A 387 -0.01 -8.96 -25.24
CA TYR A 387 -0.57 -10.03 -24.42
C TYR A 387 -0.13 -11.40 -24.93
N THR A 388 -0.25 -12.39 -24.07
CA THR A 388 -0.14 -13.77 -24.52
C THR A 388 -1.12 -14.03 -25.66
N PRO A 389 -0.83 -14.99 -26.54
CA PRO A 389 -1.79 -15.32 -27.61
C PRO A 389 -3.15 -15.65 -27.03
N LEU A 390 -4.20 -15.33 -27.78
CA LEU A 390 -5.54 -15.45 -27.25
C LEU A 390 -5.95 -16.90 -26.97
N ASN A 391 -5.25 -17.89 -27.53
CA ASN A 391 -5.59 -19.29 -27.28
C ASN A 391 -4.97 -19.83 -26.00
N ARG A 392 -4.26 -19.01 -25.24
CA ARG A 392 -3.60 -19.40 -24.00
CA ARG A 392 -3.62 -19.42 -24.00
C ARG A 392 -4.23 -18.66 -22.81
N ASP A 393 -3.72 -18.98 -21.62
CA ASP A 393 -4.10 -18.26 -20.41
C ASP A 393 -3.73 -16.79 -20.53
N VAL A 394 -4.51 -15.92 -19.91
CA VAL A 394 -4.24 -14.48 -19.98
C VAL A 394 -2.89 -14.18 -19.34
N GLY A 395 -2.17 -13.23 -19.91
CA GLY A 395 -0.85 -12.87 -19.43
C GLY A 395 -0.26 -11.81 -20.34
N ILE A 396 0.96 -11.38 -20.01
CA ILE A 396 1.67 -10.38 -20.79
C ILE A 396 3.08 -10.88 -21.07
N VAL A 397 3.48 -10.80 -22.34
CA VAL A 397 4.79 -11.31 -22.75
C VAL A 397 5.90 -10.34 -22.36
N ASP A 398 5.71 -9.06 -22.67
CA ASP A 398 6.66 -8.02 -22.36
C ASP A 398 5.88 -6.72 -22.17
N LEU A 399 6.43 -5.80 -21.37
CA LEU A 399 5.73 -4.59 -21.00
C LEU A 399 6.71 -3.42 -20.88
N PRO A 400 6.92 -2.71 -21.98
CA PRO A 400 7.81 -1.52 -21.94
C PRO A 400 7.29 -0.46 -20.98
N VAL A 401 8.19 0.02 -20.11
CA VAL A 401 7.85 1.05 -19.14
C VAL A 401 8.96 2.09 -19.10
N ILE A 402 8.59 3.30 -18.70
CA ILE A 402 9.55 4.31 -18.27
C ILE A 402 9.17 4.70 -16.83
N PHE A 403 10.03 5.49 -16.20
CA PHE A 403 9.86 5.88 -14.81
C PHE A 403 10.80 7.00 -14.45
N ALA B 5 23.00 15.57 -6.57
CA ALA B 5 21.90 16.12 -5.79
C ALA B 5 20.71 15.16 -5.77
N PRO B 6 20.40 14.63 -4.59
CA PRO B 6 19.35 13.62 -4.48
C PRO B 6 17.95 14.23 -4.51
N SER B 7 17.00 13.43 -5.00
CA SER B 7 15.61 13.86 -5.05
C SER B 7 15.06 14.09 -3.65
N PHE B 8 14.23 15.13 -3.50
CA PHE B 8 13.63 15.52 -2.22
C PHE B 8 12.19 15.89 -2.48
N PRO B 9 11.26 15.55 -1.56
CA PRO B 9 11.42 14.94 -0.24
C PRO B 9 12.03 13.54 -0.24
N PHE B 10 12.86 13.26 0.77
CA PHE B 10 13.36 11.92 0.96
C PHE B 10 12.24 11.00 1.44
N SER B 11 12.42 9.71 1.18
CA SER B 11 11.52 8.71 1.73
C SER B 11 11.93 8.36 3.16
N ARG B 12 10.93 8.22 4.03
CA ARG B 12 11.19 7.79 5.39
C ARG B 12 11.87 6.42 5.39
N ALA B 13 12.75 6.22 6.38
CA ALA B 13 13.53 4.98 6.45
C ALA B 13 12.63 3.77 6.68
N SER B 14 11.52 3.98 7.38
CA SER B 14 10.48 2.99 7.55
C SER B 14 9.22 3.77 7.93
N GLY B 15 8.12 3.04 8.14
CA GLY B 15 6.86 3.64 8.49
C GLY B 15 6.92 4.81 9.47
N PRO B 16 7.45 4.58 10.67
CA PRO B 16 7.50 5.62 11.70
C PRO B 16 8.80 6.40 11.81
N GLU B 17 9.81 6.13 10.93
CA GLU B 17 11.12 6.75 11.11
C GLU B 17 11.32 7.93 10.17
N PRO B 18 12.15 8.87 10.57
CA PRO B 18 12.59 9.93 9.64
C PRO B 18 13.37 9.31 8.48
N PRO B 19 13.53 10.05 7.39
CA PRO B 19 14.49 9.64 6.37
C PRO B 19 15.86 9.41 6.98
N ALA B 20 16.55 8.38 6.48
CA ALA B 20 17.90 8.09 6.96
C ALA B 20 18.90 9.17 6.53
N GLU B 21 18.59 9.91 5.46
CA GLU B 21 19.54 10.91 4.95
C GLU B 21 19.90 11.95 6.00
N PHE B 22 18.93 12.35 6.84
CA PHE B 22 19.13 13.51 7.70
C PHE B 22 20.30 13.32 8.66
N ALA B 23 20.43 12.14 9.27
CA ALA B 23 21.48 11.96 10.26
C ALA B 23 22.87 12.03 9.61
N LYS B 24 23.00 11.53 8.39
CA LYS B 24 24.27 11.63 7.68
C LYS B 24 24.54 13.05 7.23
N LEU B 25 23.50 13.76 6.79
CA LEU B 25 23.68 15.15 6.40
C LEU B 25 24.08 16.00 7.59
N ARG B 26 23.47 15.77 8.76
CA ARG B 26 23.83 16.55 9.94
C ARG B 26 25.30 16.38 10.28
N ALA B 27 25.86 15.19 10.04
CA ALA B 27 27.23 14.93 10.44
C ALA B 27 28.26 15.25 9.36
N THR B 28 27.85 15.31 8.09
CA THR B 28 28.80 15.45 6.99
C THR B 28 28.53 16.61 6.05
N ASN B 29 27.29 17.08 5.91
CA ASN B 29 26.99 18.16 4.98
C ASN B 29 25.68 18.83 5.40
N PRO B 30 25.70 19.54 6.53
CA PRO B 30 24.42 19.98 7.13
C PRO B 30 23.68 21.02 6.30
N VAL B 31 24.32 21.72 5.36
CA VAL B 31 23.64 22.57 4.39
C VAL B 31 23.98 22.07 2.99
N SER B 32 23.00 21.50 2.30
CA SER B 32 23.24 20.78 1.05
C SER B 32 22.15 21.13 0.05
N GLN B 33 22.38 20.71 -1.20
CA GLN B 33 21.41 20.89 -2.27
C GLN B 33 20.68 19.59 -2.57
N VAL B 34 19.40 19.72 -2.90
CA VAL B 34 18.53 18.61 -3.26
C VAL B 34 17.80 19.00 -4.54
N LYS B 35 17.33 17.98 -5.25
CA LYS B 35 16.62 18.18 -6.51
C LYS B 35 15.13 17.94 -6.29
N LEU B 36 14.30 18.88 -6.76
CA LEU B 36 12.86 18.82 -6.54
C LEU B 36 12.17 18.11 -7.69
N PHE B 37 10.83 18.02 -7.60
CA PHE B 37 10.06 17.23 -8.55
C PHE B 37 10.19 17.73 -9.98
N ASP B 38 10.49 19.02 -10.17
CA ASP B 38 10.61 19.61 -11.50
C ASP B 38 12.06 19.80 -11.94
N GLY B 39 13.00 19.06 -11.35
CA GLY B 39 14.41 19.19 -11.67
C GLY B 39 15.11 20.37 -11.04
N SER B 40 14.37 21.35 -10.54
CA SER B 40 14.99 22.49 -9.89
C SER B 40 15.72 22.06 -8.62
N LEU B 41 16.67 22.89 -8.20
CA LEU B 41 17.46 22.63 -7.01
C LEU B 41 17.00 23.50 -5.87
N ALA B 42 17.29 23.07 -4.65
CA ALA B 42 16.97 23.83 -3.46
C ALA B 42 17.99 23.47 -2.38
N TRP B 43 18.16 24.37 -1.43
CA TRP B 43 19.00 24.11 -0.27
C TRP B 43 18.20 23.42 0.83
N LEU B 44 18.81 22.41 1.45
CA LEU B 44 18.23 21.68 2.57
C LEU B 44 19.09 21.93 3.81
N VAL B 45 18.45 22.41 4.87
CA VAL B 45 19.11 22.72 6.14
C VAL B 45 18.65 21.70 7.17
N THR B 46 19.60 21.09 7.89
CA THR B 46 19.30 19.94 8.74
C THR B 46 19.61 20.11 10.23
N LYS B 47 20.47 21.06 10.62
CA LYS B 47 20.82 21.25 12.01
C LYS B 47 19.87 22.22 12.70
N HIS B 48 19.59 21.96 13.97
CA HIS B 48 18.66 22.77 14.75
C HIS B 48 19.01 24.25 14.68
N LYS B 49 20.28 24.61 14.90
CA LYS B 49 20.66 26.01 14.90
C LYS B 49 20.38 26.65 13.55
N ASP B 50 20.58 25.91 12.46
CA ASP B 50 20.42 26.48 11.12
C ASP B 50 18.94 26.56 10.73
N VAL B 51 18.15 25.58 11.14
CA VAL B 51 16.69 25.66 10.97
C VAL B 51 16.15 26.91 11.64
N CYS B 52 16.63 27.20 12.87
CA CYS B 52 16.16 28.40 13.57
C CYS B 52 16.55 29.66 12.82
N PHE B 53 17.76 29.67 12.25
CA PHE B 53 18.18 30.81 11.44
C PHE B 53 17.29 30.97 10.22
N VAL B 54 17.04 29.89 9.49
CA VAL B 54 16.17 30.00 8.31
C VAL B 54 14.80 30.50 8.72
N ALA B 55 14.29 30.01 9.85
CA ALA B 55 12.95 30.36 10.30
C ALA B 55 12.81 31.84 10.67
N THR B 56 13.92 32.53 11.01
CA THR B 56 13.81 33.91 11.48
C THR B 56 14.50 34.95 10.60
N SER B 57 15.32 34.55 9.63
CA SER B 57 16.11 35.51 8.90
C SER B 57 15.23 36.44 8.07
N GLU B 58 15.47 37.74 8.21
CA GLU B 58 14.77 38.74 7.41
C GLU B 58 15.28 38.80 5.97
N LYS B 59 16.36 38.09 5.66
CA LYS B 59 16.84 37.97 4.29
C LYS B 59 16.04 36.96 3.46
N LEU B 60 15.07 36.27 4.07
CA LEU B 60 14.36 35.17 3.43
C LEU B 60 12.88 35.49 3.33
N SER B 61 12.21 34.90 2.34
CA SER B 61 10.82 35.24 2.05
C SER B 61 9.95 34.00 1.91
N LYS B 62 8.70 34.11 2.33
CA LYS B 62 7.70 33.07 2.16
C LYS B 62 6.82 33.28 0.93
N VAL B 63 6.98 34.39 0.21
CA VAL B 63 6.13 34.71 -0.93
C VAL B 63 6.34 33.67 -2.03
N ARG B 64 5.26 32.97 -2.39
CA ARG B 64 5.39 31.84 -3.30
C ARG B 64 5.45 32.24 -4.76
N THR B 65 5.14 33.49 -5.08
CA THR B 65 5.29 33.99 -6.45
C THR B 65 6.67 34.56 -6.71
N ARG B 66 7.59 34.45 -5.74
CA ARG B 66 8.97 34.83 -5.94
C ARG B 66 9.71 33.77 -6.74
N GLN B 67 10.72 34.21 -7.47
CA GLN B 67 11.61 33.27 -8.16
C GLN B 67 12.30 32.36 -7.16
N GLY B 68 12.33 31.06 -7.46
CA GLY B 68 13.06 30.10 -6.65
C GLY B 68 12.28 29.42 -5.55
N PHE B 69 11.00 29.70 -5.39
CA PHE B 69 10.30 29.13 -4.24
C PHE B 69 10.26 27.61 -4.37
N PRO B 70 10.62 26.86 -3.33
CA PRO B 70 10.68 25.40 -3.42
C PRO B 70 9.31 24.73 -3.29
N GLU B 71 8.55 24.77 -4.37
CA GLU B 71 7.32 23.98 -4.43
C GLU B 71 7.68 22.51 -4.61
N LEU B 72 6.98 21.65 -3.88
CA LEU B 72 7.38 20.25 -3.74
C LEU B 72 6.62 19.29 -4.65
N SER B 73 5.60 19.77 -5.36
CA SER B 73 4.80 18.93 -6.24
C SER B 73 4.08 19.84 -7.23
N ALA B 74 3.50 19.21 -8.26
CA ALA B 74 2.70 19.97 -9.21
C ALA B 74 1.49 20.58 -8.55
N SER B 75 0.92 19.89 -7.56
CA SER B 75 -0.16 20.46 -6.76
C SER B 75 0.24 21.81 -6.18
N GLY B 76 1.40 21.86 -5.52
CA GLY B 76 1.85 23.09 -4.92
C GLY B 76 2.08 24.21 -5.92
N LYS B 77 2.54 23.86 -7.12
CA LYS B 77 2.85 24.89 -8.12
C LYS B 77 1.62 25.71 -8.49
N GLN B 78 0.48 25.05 -8.69
CA GLN B 78 -0.74 25.78 -9.03
C GLN B 78 -1.42 26.35 -7.79
N ALA B 79 -1.31 25.67 -6.65
CA ALA B 79 -1.81 26.23 -5.40
C ALA B 79 -1.18 27.58 -5.09
N ALA B 80 0.00 27.87 -5.66
CA ALA B 80 0.66 29.15 -5.48
C ALA B 80 -0.04 30.29 -6.22
N LYS B 81 -0.97 29.99 -7.14
CA LYS B 81 -1.58 31.04 -7.94
C LYS B 81 -2.63 31.82 -7.16
N ALA B 82 -3.25 31.21 -6.15
CA ALA B 82 -4.34 31.84 -5.44
C ALA B 82 -3.83 33.05 -4.65
N LYS B 83 -4.78 33.89 -4.23
CA LYS B 83 -4.45 35.04 -3.40
C LYS B 83 -3.90 34.54 -2.06
N PRO B 84 -2.72 35.00 -1.65
CA PRO B 84 -2.11 34.45 -0.44
C PRO B 84 -2.84 34.88 0.83
N THR B 85 -2.85 33.97 1.81
CA THR B 85 -3.17 34.28 3.19
C THR B 85 -1.87 34.41 3.98
N PHE B 86 -2.00 34.64 5.29
CA PHE B 86 -0.83 35.03 6.08
C PHE B 86 0.22 33.93 6.17
N VAL B 87 -0.14 32.67 5.92
CA VAL B 87 0.86 31.61 5.96
C VAL B 87 1.95 31.86 4.92
N ASP B 88 1.63 32.58 3.86
CA ASP B 88 2.57 32.84 2.76
C ASP B 88 2.92 34.31 2.64
N MET B 89 2.85 35.07 3.73
CA MET B 89 3.18 36.49 3.74
C MET B 89 4.45 36.76 4.54
N ASP B 90 5.15 37.84 4.17
CA ASP B 90 6.25 38.43 4.92
C ASP B 90 5.75 39.64 5.72
N PRO B 91 6.54 40.13 6.67
CA PRO B 91 6.17 41.38 7.36
C PRO B 91 6.10 42.52 6.37
N PRO B 92 5.24 43.52 6.61
CA PRO B 92 4.33 43.63 7.75
C PRO B 92 2.95 43.06 7.44
N GLU B 93 2.77 42.54 6.22
CA GLU B 93 1.48 41.96 5.85
C GLU B 93 1.17 40.73 6.70
N HIS B 94 2.21 39.98 7.11
CA HIS B 94 2.01 38.74 7.85
C HIS B 94 1.25 38.98 9.15
N MET B 95 1.80 39.80 10.04
CA MET B 95 1.14 40.00 11.33
C MET B 95 -0.11 40.87 11.25
N HIS B 96 -0.23 41.71 10.22
CA HIS B 96 -1.45 42.46 10.03
C HIS B 96 -2.66 41.53 9.91
N GLN B 97 -2.54 40.50 9.08
CA GLN B 97 -3.62 39.54 8.91
C GLN B 97 -3.68 38.53 10.06
N ARG B 98 -2.52 37.99 10.45
CA ARG B 98 -2.52 36.95 11.50
C ARG B 98 -3.10 37.48 12.80
N SER B 99 -2.89 38.76 13.12
CA SER B 99 -3.45 39.33 14.33
C SER B 99 -4.97 39.38 14.29
N MET B 100 -5.58 39.32 13.09
CA MET B 100 -7.03 39.30 13.01
C MET B 100 -7.63 38.04 13.63
N VAL B 101 -6.87 36.96 13.73
CA VAL B 101 -7.41 35.69 14.24
C VAL B 101 -6.66 35.16 15.44
N GLU B 102 -5.55 35.77 15.83
CA GLU B 102 -4.73 35.19 16.89
C GLU B 102 -5.38 35.18 18.28
N PRO B 103 -6.29 36.13 18.63
CA PRO B 103 -6.87 36.13 19.99
C PRO B 103 -7.48 34.81 20.49
N THR B 104 -8.08 34.00 19.62
CA THR B 104 -8.66 32.75 20.07
C THR B 104 -7.60 31.73 20.48
N PHE B 105 -6.36 31.93 20.04
CA PHE B 105 -5.29 30.95 20.15
C PHE B 105 -4.26 31.31 21.21
N THR B 106 -4.44 32.42 21.92
CA THR B 106 -3.52 32.81 22.98
C THR B 106 -3.52 31.75 24.09
N PRO B 107 -2.43 31.67 24.86
CA PRO B 107 -2.45 30.77 26.02
C PRO B 107 -3.63 31.00 26.96
N GLU B 108 -3.99 32.27 27.20
CA GLU B 108 -5.12 32.59 28.06
C GLU B 108 -6.44 32.03 27.49
N ALA B 109 -6.71 32.29 26.22
CA ALA B 109 -7.96 31.82 25.62
C ALA B 109 -8.01 30.30 25.58
N VAL B 110 -6.86 29.66 25.32
CA VAL B 110 -6.84 28.21 25.29
C VAL B 110 -7.13 27.63 26.67
N LYS B 111 -6.58 28.28 27.71
CA LYS B 111 -6.92 27.90 29.09
C LYS B 111 -8.43 28.00 29.32
N ASN B 112 -9.04 29.11 28.90
CA ASN B 112 -10.49 29.28 29.02
C ASN B 112 -11.25 28.18 28.29
N LEU B 113 -10.70 27.69 27.18
CA LEU B 113 -11.34 26.65 26.38
C LEU B 113 -11.22 25.26 26.99
N GLN B 114 -10.43 25.08 28.05
CA GLN B 114 -10.18 23.72 28.54
C GLN B 114 -11.45 22.96 28.91
N PRO B 115 -12.45 23.55 29.58
CA PRO B 115 -13.69 22.80 29.82
C PRO B 115 -14.31 22.25 28.55
N TYR B 116 -14.33 23.05 27.48
CA TYR B 116 -14.90 22.60 26.21
C TYR B 116 -14.03 21.56 25.53
N ILE B 117 -12.70 21.73 25.60
CA ILE B 117 -11.81 20.72 25.03
C ILE B 117 -12.02 19.38 25.74
N GLN B 118 -12.15 19.40 27.06
CA GLN B 118 -12.34 18.14 27.80
C GLN B 118 -13.71 17.53 27.51
N ARG B 119 -14.75 18.37 27.43
CA ARG B 119 -16.08 17.87 27.11
C ARG B 119 -16.10 17.19 25.75
N THR B 120 -15.44 17.79 24.75
CA THR B 120 -15.41 17.20 23.41
C THR B 120 -14.70 15.85 23.44
N VAL B 121 -13.56 15.76 24.13
CA VAL B 121 -12.86 14.49 24.25
C VAL B 121 -13.71 13.49 25.04
N ASP B 122 -14.30 13.95 26.15
CA ASP B 122 -15.15 13.04 26.93
C ASP B 122 -16.32 12.51 26.10
N ASP B 123 -16.97 13.38 25.33
CA ASP B 123 -18.16 12.94 24.59
C ASP B 123 -17.79 11.96 23.49
N LEU B 124 -16.67 12.21 22.80
CA LEU B 124 -16.25 11.30 21.75
C LEU B 124 -15.81 9.95 22.32
N LEU B 125 -15.13 9.97 23.48
CA LEU B 125 -14.77 8.71 24.13
C LEU B 125 -16.01 7.92 24.53
N GLU B 126 -17.02 8.60 25.05
CA GLU B 126 -18.26 7.88 25.40
C GLU B 126 -18.93 7.30 24.16
N GLN B 127 -19.01 8.05 23.06
CA GLN B 127 -19.59 7.50 21.84
C GLN B 127 -18.82 6.27 21.37
N MET B 128 -17.49 6.28 21.52
CA MET B 128 -16.70 5.11 21.13
C MET B 128 -16.98 3.93 22.04
N LYS B 129 -17.19 4.18 23.33
CA LYS B 129 -17.56 3.11 24.24
C LYS B 129 -18.95 2.57 23.92
N GLN B 130 -19.89 3.45 23.60
CA GLN B 130 -21.23 3.01 23.21
C GLN B 130 -21.19 2.18 21.93
N LYS B 131 -20.35 2.57 20.97
CA LYS B 131 -20.20 1.77 19.76
C LYS B 131 -19.60 0.42 20.08
N GLY B 132 -18.59 0.39 20.95
CA GLY B 132 -17.95 -0.85 21.36
C GLY B 132 -17.10 -1.46 20.26
N CYS B 133 -16.52 -2.61 20.59
CA CYS B 133 -15.70 -3.42 19.68
C CYS B 133 -16.07 -4.89 19.86
N ALA B 134 -17.36 -5.15 19.99
CA ALA B 134 -17.86 -6.48 20.28
C ALA B 134 -17.84 -7.41 19.08
N ASN B 135 -17.56 -6.91 17.88
CA ASN B 135 -17.53 -7.74 16.69
C ASN B 135 -16.23 -7.58 15.91
N GLY B 136 -15.15 -7.18 16.60
CA GLY B 136 -13.88 -6.95 15.96
C GLY B 136 -13.38 -5.55 16.26
N PRO B 137 -12.13 -5.29 15.91
CA PRO B 137 -11.55 -3.97 16.17
C PRO B 137 -12.30 -2.85 15.46
N VAL B 138 -12.11 -1.65 15.98
CA VAL B 138 -12.61 -0.44 15.33
C VAL B 138 -11.41 0.43 14.98
N ASP B 139 -11.62 1.39 14.08
CA ASP B 139 -10.54 2.28 13.64
C ASP B 139 -10.46 3.47 14.58
N LEU B 140 -9.36 3.58 15.33
CA LEU B 140 -9.19 4.71 16.25
C LEU B 140 -9.18 6.05 15.52
N VAL B 141 -8.69 6.08 14.28
CA VAL B 141 -8.70 7.33 13.52
C VAL B 141 -10.14 7.78 13.26
N LYS B 142 -10.94 6.92 12.63
CA LYS B 142 -12.31 7.30 12.32
C LYS B 142 -13.11 7.63 13.58
N GLU B 143 -12.98 6.82 14.63
CA GLU B 143 -13.86 6.98 15.79
C GLU B 143 -13.39 8.08 16.74
N PHE B 144 -12.11 8.47 16.69
CA PHE B 144 -11.58 9.35 17.74
C PHE B 144 -10.52 10.34 17.25
N ALA B 145 -9.43 9.84 16.66
CA ALA B 145 -8.34 10.72 16.25
C ALA B 145 -8.80 11.79 15.29
N LEU B 146 -9.73 11.45 14.39
CA LEU B 146 -10.23 12.39 13.40
C LEU B 146 -11.22 13.38 14.01
N PRO B 147 -12.30 12.94 14.68
CA PRO B 147 -13.31 13.93 15.12
C PRO B 147 -12.87 14.86 16.24
N VAL B 148 -11.94 14.47 17.12
CA VAL B 148 -11.51 15.35 18.19
C VAL B 148 -11.00 16.69 17.64
N PRO B 149 -9.95 16.73 16.82
CA PRO B 149 -9.52 18.05 16.32
C PRO B 149 -10.51 18.67 15.35
N SER B 150 -11.26 17.86 14.60
CA SER B 150 -12.18 18.41 13.61
C SER B 150 -13.34 19.13 14.30
N TYR B 151 -13.96 18.47 15.28
CA TYR B 151 -15.08 19.10 15.99
C TYR B 151 -14.64 20.39 16.65
N ILE B 152 -13.46 20.39 17.26
CA ILE B 152 -12.99 21.58 17.97
C ILE B 152 -12.77 22.75 17.01
N ILE B 153 -12.03 22.54 15.91
CA ILE B 153 -11.71 23.70 15.06
C ILE B 153 -12.94 24.15 14.28
N TYR B 154 -13.74 23.21 13.80
CA TYR B 154 -15.01 23.55 13.16
C TYR B 154 -15.88 24.39 14.08
N THR B 155 -15.99 23.97 15.34
CA THR B 155 -16.81 24.71 16.31
C THR B 155 -16.24 26.10 16.58
N LEU B 156 -14.91 26.21 16.73
CA LEU B 156 -14.29 27.52 16.94
C LEU B 156 -14.51 28.43 15.74
N LEU B 157 -14.49 27.86 14.54
CA LEU B 157 -14.73 28.68 13.35
C LEU B 157 -16.16 29.20 13.31
N GLY B 158 -17.12 28.38 13.77
CA GLY B 158 -18.51 28.77 13.83
C GLY B 158 -19.49 27.76 13.26
N VAL B 159 -19.01 26.56 12.95
CA VAL B 159 -19.88 25.54 12.37
C VAL B 159 -20.86 25.03 13.44
N PRO B 160 -22.15 24.93 13.15
CA PRO B 160 -23.10 24.47 14.17
C PRO B 160 -23.00 22.97 14.37
N PHE B 161 -23.42 22.54 15.57
CA PHE B 161 -23.21 21.16 15.99
C PHE B 161 -23.71 20.14 14.95
N ASN B 162 -24.88 20.41 14.36
CA ASN B 162 -25.52 19.44 13.48
C ASN B 162 -24.75 19.18 12.19
N ASP B 163 -23.88 20.10 11.76
CA ASP B 163 -23.11 19.90 10.54
C ASP B 163 -21.71 19.32 10.79
N LEU B 164 -21.32 19.10 12.06
CA LEU B 164 -19.96 18.67 12.37
C LEU B 164 -19.64 17.31 11.77
N GLU B 165 -20.57 16.36 11.87
CA GLU B 165 -20.23 15.00 11.48
C GLU B 165 -19.99 14.89 9.98
N TYR B 166 -20.85 15.52 9.17
CA TYR B 166 -20.66 15.44 7.73
C TYR B 166 -19.36 16.11 7.31
N LEU B 167 -19.12 17.33 7.81
CA LEU B 167 -17.92 18.07 7.39
C LEU B 167 -16.65 17.40 7.89
N THR B 168 -16.75 16.66 9.00
CA THR B 168 -15.62 15.85 9.43
C THR B 168 -15.36 14.73 8.43
N GLN B 169 -16.36 14.37 7.61
CA GLN B 169 -16.12 13.47 6.50
C GLN B 169 -15.61 14.17 5.23
N GLN B 170 -16.03 15.40 4.99
CA GLN B 170 -15.55 16.11 3.81
C GLN B 170 -14.08 16.48 3.95
N ASN B 171 -13.71 17.06 5.08
CA ASN B 171 -12.32 17.48 5.24
C ASN B 171 -11.38 16.29 5.34
N ALA B 172 -11.89 15.11 5.66
CA ALA B 172 -11.09 13.89 5.55
C ALA B 172 -11.02 13.41 4.11
N ILE B 173 -12.17 13.36 3.42
CA ILE B 173 -12.19 13.00 2.01
C ILE B 173 -11.28 13.93 1.21
N ARG B 174 -11.18 15.19 1.65
CA ARG B 174 -10.21 16.12 1.08
C ARG B 174 -8.82 15.50 1.04
N THR B 175 -8.33 15.09 2.20
CA THR B 175 -6.91 14.78 2.40
C THR B 175 -6.61 13.28 2.40
N ASN B 176 -7.62 12.42 2.17
CA ASN B 176 -7.47 10.98 2.33
C ASN B 176 -6.93 10.33 1.06
N GLY B 177 -6.53 9.06 1.20
CA GLY B 177 -5.90 8.35 0.12
C GLY B 177 -6.88 7.86 -0.93
N SER B 178 -7.96 7.24 -0.48
CA SER B 178 -8.86 6.55 -1.40
C SER B 178 -9.67 7.49 -2.28
N SER B 179 -9.01 8.47 -2.91
CA SER B 179 -9.51 9.31 -4.01
C SER B 179 -8.60 10.52 -4.20
N THR B 180 -7.55 10.62 -3.37
CA THR B 180 -6.74 11.80 -3.10
C THR B 180 -7.03 12.98 -4.02
N ALA B 181 -6.44 13.07 -5.22
CA ALA B 181 -6.37 14.38 -5.89
C ALA B 181 -7.71 14.81 -6.44
N ARG B 182 -8.45 13.88 -7.06
CA ARG B 182 -9.75 14.21 -7.61
C ARG B 182 -10.71 14.65 -6.51
N GLU B 183 -10.79 13.88 -5.43
CA GLU B 183 -11.72 14.22 -4.37
C GLU B 183 -11.14 15.21 -3.36
N ALA B 184 -9.81 15.41 -3.37
CA ALA B 184 -9.27 16.60 -2.70
C ALA B 184 -9.88 17.86 -3.25
N SER B 185 -10.08 17.91 -4.58
CA SER B 185 -10.67 19.09 -5.21
C SER B 185 -12.16 19.19 -4.93
N ALA B 186 -12.89 18.09 -5.08
CA ALA B 186 -14.34 18.15 -4.87
C ALA B 186 -14.67 18.48 -3.42
N ALA B 187 -13.89 17.94 -2.48
CA ALA B 187 -14.11 18.28 -1.08
C ALA B 187 -13.70 19.73 -0.81
N ASN B 188 -12.53 20.13 -1.31
CA ASN B 188 -12.06 21.51 -1.24
C ASN B 188 -13.11 22.52 -1.61
N GLN B 189 -13.68 22.38 -2.82
CA GLN B 189 -14.72 23.32 -3.24
C GLN B 189 -15.93 23.25 -2.34
N GLU B 190 -16.28 22.04 -1.88
CA GLU B 190 -17.45 21.93 -1.01
C GLU B 190 -17.24 22.69 0.30
N LEU B 191 -16.03 22.61 0.87
CA LEU B 191 -15.74 23.34 2.09
C LEU B 191 -15.76 24.84 1.86
N LEU B 192 -15.17 25.29 0.75
CA LEU B 192 -15.19 26.70 0.41
C LEU B 192 -16.62 27.21 0.22
N ASP B 193 -17.46 26.41 -0.44
CA ASP B 193 -18.87 26.79 -0.64
C ASP B 193 -19.60 26.91 0.70
N TYR B 194 -19.32 25.98 1.61
CA TYR B 194 -19.99 25.99 2.91
C TYR B 194 -19.53 27.15 3.76
N LEU B 195 -18.23 27.48 3.71
CA LEU B 195 -17.71 28.61 4.46
C LEU B 195 -18.25 29.94 3.94
N ALA B 196 -18.44 30.06 2.62
CA ALA B 196 -19.03 31.28 2.08
C ALA B 196 -20.43 31.51 2.64
N ILE B 197 -21.24 30.45 2.69
CA ILE B 197 -22.58 30.54 3.26
C ILE B 197 -22.52 31.00 4.70
N LEU B 198 -21.63 30.39 5.48
CA LEU B 198 -21.52 30.74 6.89
C LEU B 198 -21.02 32.17 7.08
N VAL B 199 -20.14 32.65 6.20
CA VAL B 199 -19.72 34.04 6.27
C VAL B 199 -20.90 34.97 5.97
N GLU B 200 -21.71 34.64 4.96
CA GLU B 200 -22.88 35.47 4.68
C GLU B 200 -23.79 35.53 5.89
N GLN B 201 -24.01 34.38 6.56
CA GLN B 201 -24.88 34.35 7.72
C GLN B 201 -24.35 35.21 8.86
N ARG B 202 -23.05 35.08 9.16
CA ARG B 202 -22.49 35.84 10.27
C ARG B 202 -22.30 37.32 9.94
N LEU B 203 -22.33 37.70 8.66
CA LEU B 203 -22.31 39.12 8.35
C LEU B 203 -23.62 39.76 8.77
N VAL B 204 -24.72 39.03 8.64
CA VAL B 204 -26.05 39.53 8.98
C VAL B 204 -26.32 39.38 10.47
N GLU B 205 -25.92 38.25 11.06
CA GLU B 205 -26.23 37.92 12.45
C GLU B 205 -25.02 37.23 13.06
N PRO B 206 -24.02 38.00 13.48
CA PRO B 206 -22.81 37.39 14.04
C PRO B 206 -23.08 36.67 15.35
N LYS B 207 -22.28 35.63 15.60
CA LYS B 207 -22.34 34.90 16.87
C LYS B 207 -20.98 34.91 17.54
N ASP B 208 -20.71 33.97 18.45
CA ASP B 208 -19.45 33.96 19.19
C ASP B 208 -18.52 32.95 18.55
N ASP B 209 -17.89 33.35 17.44
CA ASP B 209 -17.00 32.44 16.73
C ASP B 209 -16.02 33.26 15.91
N ILE B 210 -14.97 32.58 15.43
CA ILE B 210 -13.91 33.29 14.71
C ILE B 210 -14.46 33.98 13.47
N ILE B 211 -15.32 33.30 12.71
CA ILE B 211 -15.83 33.90 11.47
C ILE B 211 -16.59 35.17 11.78
N SER B 212 -17.35 35.19 12.89
CA SER B 212 -18.08 36.39 13.26
C SER B 212 -17.13 37.52 13.63
N LYS B 213 -16.05 37.19 14.35
CA LYS B 213 -15.07 38.23 14.67
C LYS B 213 -14.45 38.80 13.39
N LEU B 214 -14.09 37.93 12.43
CA LEU B 214 -13.62 38.43 11.14
C LEU B 214 -14.66 39.34 10.50
N CYS B 215 -15.93 38.93 10.53
CA CYS B 215 -16.98 39.67 9.85
C CYS B 215 -17.21 41.03 10.47
N THR B 216 -17.33 41.08 11.81
CA THR B 216 -17.63 42.34 12.48
C THR B 216 -16.41 43.26 12.52
N GLU B 217 -15.23 42.69 12.78
CA GLU B 217 -14.03 43.50 13.01
C GLU B 217 -13.24 43.80 11.75
N GLN B 218 -13.45 43.05 10.67
CA GLN B 218 -12.58 43.21 9.51
C GLN B 218 -13.34 43.35 8.20
N VAL B 219 -14.40 42.57 7.99
CA VAL B 219 -15.08 42.59 6.70
C VAL B 219 -15.94 43.84 6.55
N LYS B 220 -16.85 44.05 7.50
CA LYS B 220 -17.73 45.22 7.46
C LYS B 220 -16.96 46.54 7.47
N PRO B 221 -15.90 46.71 8.27
CA PRO B 221 -15.11 47.96 8.18
C PRO B 221 -14.31 48.10 6.90
N GLY B 222 -14.26 47.08 6.04
CA GLY B 222 -13.51 47.17 4.81
C GLY B 222 -12.04 46.85 4.90
N ASN B 223 -11.56 46.31 6.02
CA ASN B 223 -10.16 45.95 6.13
C ASN B 223 -9.84 44.74 5.24
N ILE B 224 -10.76 43.79 5.18
CA ILE B 224 -10.72 42.67 4.24
C ILE B 224 -12.12 42.54 3.66
N ASP B 225 -12.25 41.72 2.61
CA ASP B 225 -13.59 41.42 2.09
C ASP B 225 -13.98 39.98 2.45
N LYS B 226 -15.22 39.61 2.08
CA LYS B 226 -15.77 38.36 2.59
C LYS B 226 -15.08 37.14 2.03
N SER B 227 -14.58 37.21 0.79
CA SER B 227 -13.84 36.06 0.27
C SER B 227 -12.47 35.93 0.95
N ASP B 228 -11.88 37.03 1.42
CA ASP B 228 -10.71 36.90 2.27
C ASP B 228 -11.05 36.16 3.56
N ALA B 229 -12.21 36.47 4.15
CA ALA B 229 -12.60 35.79 5.39
C ALA B 229 -12.78 34.31 5.15
N VAL B 230 -13.40 33.95 4.02
CA VAL B 230 -13.52 32.54 3.64
C VAL B 230 -12.14 31.90 3.54
N GLN B 231 -11.20 32.59 2.88
CA GLN B 231 -9.89 31.98 2.67
C GLN B 231 -9.12 31.81 3.98
N ILE B 232 -9.27 32.78 4.90
CA ILE B 232 -8.62 32.64 6.20
C ILE B 232 -9.26 31.51 7.00
N ALA B 233 -10.59 31.42 6.99
CA ALA B 233 -11.23 30.32 7.73
C ALA B 233 -10.79 28.98 7.17
N PHE B 234 -10.72 28.88 5.84
CA PHE B 234 -10.28 27.65 5.21
C PHE B 234 -8.85 27.30 5.61
N LEU B 235 -7.96 28.29 5.64
CA LEU B 235 -6.60 28.08 6.13
C LEU B 235 -6.61 27.55 7.56
N LEU B 236 -7.35 28.20 8.46
CA LEU B 236 -7.38 27.72 9.85
C LEU B 236 -7.92 26.30 9.95
N LEU B 237 -8.86 25.92 9.07
CA LEU B 237 -9.44 24.59 9.11
C LEU B 237 -8.46 23.54 8.59
N VAL B 238 -7.84 23.79 7.44
CA VAL B 238 -7.07 22.71 6.82
C VAL B 238 -5.60 22.71 7.23
N ALA B 239 -5.07 23.81 7.78
CA ALA B 239 -3.63 23.89 8.02
C ALA B 239 -3.16 22.84 9.02
N GLY B 240 -3.95 22.58 10.05
CA GLY B 240 -3.44 21.72 11.10
C GLY B 240 -4.26 20.49 11.43
N ASN B 241 -5.34 20.25 10.69
CA ASN B 241 -6.24 19.16 11.11
C ASN B 241 -5.60 17.80 10.87
N ALA B 242 -5.11 17.53 9.65
CA ALA B 242 -4.51 16.23 9.38
C ALA B 242 -3.30 15.96 10.27
N THR B 243 -2.57 17.01 10.65
CA THR B 243 -1.42 16.82 11.54
C THR B 243 -1.88 16.41 12.94
N MET B 244 -2.90 17.07 13.48
CA MET B 244 -3.47 16.68 14.76
C MET B 244 -3.95 15.23 14.73
N VAL B 245 -4.63 14.83 13.67
CA VAL B 245 -5.12 13.44 13.57
C VAL B 245 -3.94 12.48 13.62
N ASN B 246 -2.89 12.76 12.85
CA ASN B 246 -1.72 11.88 12.87
C ASN B 246 -1.00 11.89 14.22
N MET B 247 -0.97 13.03 14.94
CA MET B 247 -0.25 13.05 16.20
C MET B 247 -0.94 12.21 17.25
N ILE B 248 -2.27 12.19 17.24
CA ILE B 248 -3.01 11.35 18.17
C ILE B 248 -2.76 9.88 17.86
N ALA B 249 -2.90 9.50 16.58
CA ALA B 249 -2.66 8.12 16.19
C ALA B 249 -1.22 7.70 16.49
N LEU B 250 -0.24 8.53 16.09
CA LEU B 250 1.15 8.18 16.34
C LEU B 250 1.45 8.10 17.83
N GLY B 251 0.80 8.95 18.63
CA GLY B 251 0.97 8.85 20.07
C GLY B 251 0.49 7.52 20.62
N VAL B 252 -0.67 7.05 20.16
CA VAL B 252 -1.16 5.75 20.61
C VAL B 252 -0.21 4.64 20.18
N ALA B 253 0.28 4.69 18.94
CA ALA B 253 1.20 3.66 18.47
C ALA B 253 2.51 3.70 19.26
N THR B 254 3.00 4.90 19.59
CA THR B 254 4.26 5.00 20.31
C THR B 254 4.13 4.43 21.72
N LEU B 255 3.01 4.67 22.38
CA LEU B 255 2.80 4.09 23.71
C LEU B 255 2.70 2.57 23.64
N ALA B 256 2.06 2.04 22.59
CA ALA B 256 2.04 0.59 22.41
C ALA B 256 3.45 0.04 22.23
N GLN B 257 4.34 0.82 21.63
CA GLN B 257 5.72 0.43 21.40
CA GLN B 257 5.70 0.37 21.41
C GLN B 257 6.58 0.54 22.64
N HIS B 258 6.15 1.34 23.62
CA HIS B 258 6.90 1.59 24.85
C HIS B 258 6.00 1.31 26.04
N PRO B 259 5.72 0.03 26.31
CA PRO B 259 4.78 -0.31 27.39
C PRO B 259 5.16 0.22 28.77
N ASP B 260 6.46 0.33 29.07
CA ASP B 260 6.86 0.87 30.37
C ASP B 260 6.42 2.32 30.52
N GLN B 261 6.47 3.08 29.43
CA GLN B 261 6.02 4.47 29.51
C GLN B 261 4.49 4.55 29.51
N LEU B 262 3.82 3.66 28.78
CA LEU B 262 2.37 3.60 28.89
C LEU B 262 1.94 3.25 30.31
N ALA B 263 2.63 2.31 30.96
CA ALA B 263 2.31 1.99 32.35
C ALA B 263 2.45 3.21 33.25
N GLN B 264 3.52 4.00 33.04
CA GLN B 264 3.68 5.25 33.78
C GLN B 264 2.47 6.16 33.60
N LEU B 265 2.05 6.34 32.35
CA LEU B 265 0.99 7.27 32.02
C LEU B 265 -0.36 6.79 32.56
N LYS B 266 -0.57 5.47 32.53
CA LYS B 266 -1.79 4.91 33.12
C LYS B 266 -1.83 5.18 34.61
N ALA B 267 -0.71 4.95 35.29
CA ALA B 267 -0.65 5.17 36.74
C ALA B 267 -0.74 6.65 37.08
N ASN B 268 -0.21 7.52 36.21
CA ASN B 268 -0.15 8.96 36.47
C ASN B 268 -0.56 9.73 35.23
N PRO B 269 -1.86 10.01 35.08
CA PRO B 269 -2.33 10.85 33.97
C PRO B 269 -1.72 12.25 33.92
N SER B 270 -1.24 12.78 35.04
CA SER B 270 -0.59 14.08 35.04
C SER B 270 0.75 14.09 34.31
N LEU B 271 1.25 12.95 33.84
CA LEU B 271 2.43 12.97 33.00
C LEU B 271 2.13 13.27 31.53
N ALA B 272 0.87 13.46 31.17
CA ALA B 272 0.55 13.73 29.77
C ALA B 272 1.29 14.94 29.19
N PRO B 273 1.49 16.05 29.91
CA PRO B 273 2.19 17.19 29.27
C PRO B 273 3.60 16.83 28.83
N GLN B 274 4.34 16.07 29.62
CA GLN B 274 5.68 15.69 29.19
C GLN B 274 5.64 14.62 28.10
N PHE B 275 4.64 13.75 28.11
CA PHE B 275 4.48 12.83 26.99
C PHE B 275 4.26 13.61 25.71
N VAL B 276 3.39 14.62 25.76
CA VAL B 276 3.10 15.41 24.56
C VAL B 276 4.36 16.12 24.08
N GLU B 277 5.13 16.71 24.99
CA GLU B 277 6.34 17.41 24.57
C GLU B 277 7.27 16.47 23.80
N GLU B 278 7.49 15.26 24.33
CA GLU B 278 8.38 14.32 23.67
C GLU B 278 7.77 13.82 22.36
N LEU B 279 6.46 13.59 22.33
CA LEU B 279 5.78 13.20 21.09
C LEU B 279 5.98 14.24 19.99
N CYS B 280 5.83 15.52 20.32
CA CYS B 280 5.91 16.55 19.29
C CYS B 280 7.34 16.76 18.82
N ARG B 281 8.33 16.33 19.59
CA ARG B 281 9.71 16.31 19.10
C ARG B 281 10.01 15.06 18.28
N TYR B 282 9.72 13.89 18.86
CA TYR B 282 10.07 12.63 18.23
C TYR B 282 9.32 12.40 16.92
N HIS B 283 8.01 12.67 16.90
CA HIS B 283 7.19 12.51 15.69
C HIS B 283 6.85 13.89 15.13
N THR B 284 7.68 14.38 14.23
CA THR B 284 7.49 15.70 13.62
C THR B 284 6.61 15.52 12.39
N ALA B 285 5.30 15.45 12.64
CA ALA B 285 4.33 15.11 11.60
C ALA B 285 4.14 16.23 10.58
N SER B 286 4.66 17.42 10.82
CA SER B 286 4.66 18.47 9.81
C SER B 286 6.12 18.89 9.63
N ALA B 287 6.78 18.32 8.63
CA ALA B 287 8.22 18.47 8.44
C ALA B 287 8.60 19.29 7.21
N LEU B 288 7.63 19.77 6.44
CA LEU B 288 7.88 20.34 5.13
C LEU B 288 7.38 21.77 4.98
N ALA B 289 7.09 22.46 6.09
CA ALA B 289 6.43 23.76 6.03
C ALA B 289 7.38 24.94 6.20
N ILE B 290 8.63 24.72 6.61
CA ILE B 290 9.57 25.81 6.82
C ILE B 290 10.37 25.94 5.51
N LYS B 291 9.79 26.70 4.57
CA LYS B 291 10.36 26.90 3.25
C LYS B 291 10.50 28.39 2.98
N ARG B 292 11.54 28.73 2.22
CA ARG B 292 11.86 30.13 1.92
C ARG B 292 12.44 30.25 0.51
N THR B 293 12.53 31.49 0.06
CA THR B 293 13.49 31.86 -0.98
C THR B 293 14.26 33.08 -0.49
N ALA B 294 15.51 33.17 -0.92
CA ALA B 294 16.40 34.26 -0.49
C ALA B 294 16.11 35.51 -1.29
N LYS B 295 15.82 36.62 -0.59
CA LYS B 295 15.68 37.91 -1.24
C LYS B 295 17.03 38.48 -1.67
N GLU B 296 18.13 38.03 -1.06
CA GLU B 296 19.49 38.47 -1.35
C GLU B 296 20.42 37.31 -1.03
N ASP B 297 21.68 37.43 -1.43
CA ASP B 297 22.68 36.44 -1.03
C ASP B 297 22.77 36.39 0.48
N VAL B 298 22.82 35.18 1.04
CA VAL B 298 22.84 34.99 2.48
C VAL B 298 23.70 33.77 2.78
N MET B 299 24.57 33.91 3.78
CA MET B 299 25.50 32.84 4.13
C MET B 299 24.87 31.98 5.23
N ILE B 300 24.81 30.67 4.99
CA ILE B 300 24.21 29.73 5.92
C ILE B 300 25.22 28.60 6.12
N GLY B 301 25.76 28.50 7.32
CA GLY B 301 26.87 27.58 7.54
C GLY B 301 27.99 27.89 6.57
N ASP B 302 28.54 26.85 5.95
CA ASP B 302 29.62 26.99 4.99
C ASP B 302 29.12 27.11 3.55
N LYS B 303 27.86 27.46 3.34
CA LYS B 303 27.32 27.63 2.00
C LYS B 303 26.89 29.08 1.78
N LEU B 304 26.99 29.53 0.53
CA LEU B 304 26.44 30.81 0.10
C LEU B 304 25.17 30.53 -0.70
N VAL B 305 24.03 30.95 -0.16
CA VAL B 305 22.75 30.79 -0.85
C VAL B 305 22.46 32.09 -1.61
N ARG B 306 22.38 31.99 -2.93
CA ARG B 306 22.22 33.18 -3.77
C ARG B 306 20.78 33.66 -3.76
N ALA B 307 20.61 34.96 -4.02
CA ALA B 307 19.29 35.52 -4.21
C ALA B 307 18.50 34.70 -5.23
N ASN B 308 17.20 34.54 -4.95
CA ASN B 308 16.27 33.76 -5.78
C ASN B 308 16.55 32.26 -5.72
N GLU B 309 17.16 31.78 -4.65
CA GLU B 309 17.32 30.36 -4.43
C GLU B 309 16.41 29.89 -3.29
N GLY B 310 15.92 28.67 -3.40
CA GLY B 310 14.99 28.13 -2.44
C GLY B 310 15.67 27.35 -1.32
N ILE B 311 15.05 27.38 -0.14
CA ILE B 311 15.58 26.74 1.05
C ILE B 311 14.47 25.96 1.73
N ILE B 312 14.79 24.76 2.22
CA ILE B 312 13.89 23.95 3.03
C ILE B 312 14.62 23.63 4.33
N ALA B 313 14.02 23.99 5.46
CA ALA B 313 14.61 23.78 6.78
C ALA B 313 13.84 22.67 7.48
N SER B 314 14.50 21.53 7.69
CA SER B 314 13.82 20.36 8.22
C SER B 314 13.75 20.46 9.74
N ASN B 315 12.59 20.89 10.26
CA ASN B 315 12.41 20.81 11.70
C ASN B 315 12.38 19.38 12.20
N GLN B 316 12.06 18.40 11.33
CA GLN B 316 12.16 16.99 11.72
C GLN B 316 13.59 16.62 12.08
N SER B 317 14.53 16.95 11.17
CA SER B 317 15.95 16.71 11.45
C SER B 317 16.42 17.51 12.66
N ALA B 318 15.95 18.74 12.79
CA ALA B 318 16.33 19.57 13.93
C ALA B 318 15.93 18.91 15.25
N ASN B 319 14.77 18.24 15.26
CA ASN B 319 14.30 17.54 16.45
C ASN B 319 15.01 16.22 16.69
N ARG B 320 15.86 15.77 15.76
CA ARG B 320 16.74 14.64 16.01
C ARG B 320 18.22 15.06 16.06
N ASP B 321 18.49 16.35 16.29
CA ASP B 321 19.86 16.87 16.30
C ASP B 321 20.54 16.48 17.60
N GLU B 322 21.54 15.59 17.52
CA GLU B 322 22.21 15.06 18.70
C GLU B 322 23.00 16.12 19.42
N GLU B 323 23.30 17.23 18.76
CA GLU B 323 23.97 18.34 19.43
C GLU B 323 23.03 19.08 20.37
N VAL B 324 21.72 18.91 20.24
CA VAL B 324 20.73 19.55 21.08
C VAL B 324 20.06 18.55 22.02
N PHE B 325 19.58 17.44 21.48
CA PHE B 325 18.77 16.46 22.21
C PHE B 325 19.60 15.19 22.38
N GLU B 326 19.98 14.89 23.62
CA GLU B 326 20.74 13.69 23.90
C GLU B 326 19.93 12.44 23.57
N ASN B 327 20.59 11.47 22.94
CA ASN B 327 19.94 10.24 22.50
C ASN B 327 18.69 10.56 21.68
N PRO B 328 18.81 11.32 20.59
CA PRO B 328 17.61 11.87 19.94
C PRO B 328 16.69 10.83 19.36
N ASP B 329 17.18 9.65 19.05
CA ASP B 329 16.36 8.64 18.41
C ASP B 329 15.68 7.71 19.42
N GLU B 330 15.79 8.02 20.71
CA GLU B 330 15.04 7.34 21.76
C GLU B 330 13.81 8.17 22.10
N PHE B 331 12.64 7.54 22.07
CA PHE B 331 11.44 8.16 22.63
C PHE B 331 11.49 8.00 24.13
N ASN B 332 11.58 9.11 24.85
CA ASN B 332 11.71 9.07 26.31
C ASN B 332 10.98 10.27 26.89
N MET B 333 9.73 10.06 27.31
CA MET B 333 9.01 11.14 27.96
C MET B 333 9.61 11.53 29.30
N ASN B 334 10.59 10.78 29.82
CA ASN B 334 11.26 11.15 31.06
C ASN B 334 12.53 11.96 30.84
N ARG B 335 12.76 12.45 29.62
CA ARG B 335 14.04 13.10 29.34
C ARG B 335 14.14 14.48 30.00
N LYS B 336 15.37 14.90 30.25
CA LYS B 336 15.67 16.23 30.73
C LYS B 336 15.83 17.15 29.53
N TRP B 337 15.09 18.18 29.51
CA TRP B 337 15.06 18.94 28.28
C TRP B 337 16.16 20.00 28.24
N PRO B 338 16.71 20.27 27.06
CA PRO B 338 17.78 21.28 26.95
C PRO B 338 17.21 22.68 26.88
N PRO B 339 18.06 23.72 26.87
CA PRO B 339 17.52 25.08 26.78
C PRO B 339 16.84 25.37 25.45
N GLN B 340 17.21 24.68 24.38
CA GLN B 340 16.70 24.99 23.05
C GLN B 340 15.31 24.39 22.84
N ASP B 341 14.46 25.14 22.13
CA ASP B 341 13.09 24.72 21.88
C ASP B 341 13.05 23.51 20.96
N PRO B 342 12.25 22.48 21.27
CA PRO B 342 11.86 21.54 20.22
C PRO B 342 11.04 22.28 19.17
N LEU B 343 11.13 21.83 17.93
CA LEU B 343 10.63 22.58 16.79
C LEU B 343 9.47 21.88 16.08
N GLY B 344 8.66 21.11 16.81
CA GLY B 344 7.52 20.47 16.18
C GLY B 344 6.53 21.46 15.60
N PHE B 345 6.48 22.67 16.15
CA PHE B 345 5.55 23.67 15.67
C PHE B 345 6.23 24.80 14.91
N GLY B 346 7.47 24.58 14.48
CA GLY B 346 8.21 25.62 13.79
C GLY B 346 8.85 26.62 14.75
N PHE B 347 9.06 27.84 14.24
CA PHE B 347 9.91 28.80 14.93
C PHE B 347 9.79 30.17 14.27
N GLY B 348 9.97 31.21 15.06
CA GLY B 348 9.96 32.56 14.53
C GLY B 348 8.56 33.13 14.47
N ASP B 349 8.42 34.21 13.70
CA ASP B 349 7.12 34.86 13.55
C ASP B 349 6.05 33.88 13.06
N HIS B 350 6.43 32.95 12.18
CA HIS B 350 5.46 32.06 11.53
C HIS B 350 5.11 30.83 12.35
N ARG B 351 5.73 30.66 13.51
CA ARG B 351 5.48 29.50 14.35
C ARG B 351 3.98 29.26 14.50
N CYS B 352 3.58 27.97 14.41
CA CYS B 352 2.18 27.56 14.38
CA CYS B 352 2.18 27.55 14.39
C CYS B 352 1.27 28.41 15.26
N ILE B 353 0.28 29.08 14.65
CA ILE B 353 -0.63 29.91 15.43
C ILE B 353 -1.34 29.09 16.49
N ALA B 354 -1.53 27.79 16.26
CA ALA B 354 -2.34 26.96 17.14
C ALA B 354 -1.51 26.12 18.11
N GLU B 355 -0.24 26.48 18.34
CA GLU B 355 0.62 25.64 19.18
C GLU B 355 -0.02 25.34 20.54
N HIS B 356 -0.55 26.37 21.21
CA HIS B 356 -1.13 26.14 22.53
C HIS B 356 -2.41 25.31 22.45
N LEU B 357 -3.26 25.62 21.47
CA LEU B 357 -4.45 24.81 21.22
C LEU B 357 -4.09 23.35 20.99
N ALA B 358 -3.15 23.11 20.07
CA ALA B 358 -2.79 21.73 19.73
C ALA B 358 -2.24 20.99 20.94
N LYS B 359 -1.36 21.63 21.73
CA LYS B 359 -0.84 20.95 22.89
C LYS B 359 -1.94 20.68 23.92
N ALA B 360 -2.91 21.60 24.06
CA ALA B 360 -4.00 21.35 25.00
C ALA B 360 -4.87 20.21 24.53
N GLU B 361 -5.18 20.13 23.23
CA GLU B 361 -5.89 18.97 22.71
C GLU B 361 -5.12 17.68 22.99
N LEU B 362 -3.81 17.67 22.68
CA LEU B 362 -3.03 16.44 22.87
C LEU B 362 -2.94 16.07 24.35
N THR B 363 -2.76 17.07 25.21
CA THR B 363 -2.65 16.80 26.64
C THR B 363 -3.96 16.29 27.21
N THR B 364 -5.09 16.83 26.72
CA THR B 364 -6.39 16.32 27.15
C THR B 364 -6.59 14.89 26.68
N VAL B 365 -6.20 14.59 25.44
CA VAL B 365 -6.37 13.24 24.92
C VAL B 365 -5.59 12.24 25.77
N PHE B 366 -4.30 12.52 26.01
CA PHE B 366 -3.49 11.49 26.63
C PHE B 366 -3.61 11.45 28.14
N SER B 367 -4.22 12.47 28.74
CA SER B 367 -4.57 12.39 30.16
C SER B 367 -5.92 11.72 30.38
N THR B 368 -6.71 11.50 29.33
CA THR B 368 -8.05 10.94 29.46
C THR B 368 -8.23 9.59 28.79
N LEU B 369 -7.53 9.35 27.66
CA LEU B 369 -7.79 8.17 26.83
C LEU B 369 -7.68 6.87 27.62
N TYR B 370 -6.58 6.69 28.35
CA TYR B 370 -6.36 5.45 29.07
C TYR B 370 -7.02 5.42 30.44
N GLN B 371 -7.54 6.54 30.92
CA GLN B 371 -8.47 6.50 32.05
C GLN B 371 -9.81 5.91 31.62
N LYS B 372 -10.32 6.34 30.46
CA LYS B 372 -11.55 5.77 29.91
C LYS B 372 -11.35 4.31 29.52
N PHE B 373 -10.26 4.02 28.82
CA PHE B 373 -10.01 2.71 28.24
C PHE B 373 -8.66 2.21 28.72
N PRO B 374 -8.57 1.74 29.98
CA PRO B 374 -7.29 1.25 30.47
C PRO B 374 -6.75 0.05 29.70
N ASP B 375 -7.61 -0.68 28.99
CA ASP B 375 -7.15 -1.83 28.20
C ASP B 375 -7.19 -1.55 26.70
N LEU B 376 -7.10 -0.28 26.29
CA LEU B 376 -6.91 0.06 24.88
C LEU B 376 -5.65 -0.60 24.35
N LYS B 377 -5.79 -1.33 23.24
CA LYS B 377 -4.65 -1.98 22.60
C LYS B 377 -4.75 -1.88 21.09
N VAL B 378 -3.63 -1.60 20.44
CA VAL B 378 -3.56 -1.75 18.99
C VAL B 378 -3.85 -3.21 18.64
N ALA B 379 -4.79 -3.41 17.74
CA ALA B 379 -5.34 -4.74 17.48
C ALA B 379 -4.53 -5.52 16.44
N VAL B 380 -3.53 -4.91 15.81
CA VAL B 380 -2.70 -5.57 14.82
C VAL B 380 -1.26 -5.54 15.32
N PRO B 381 -0.39 -6.41 14.79
CA PRO B 381 1.03 -6.31 15.12
C PRO B 381 1.56 -4.92 14.75
N LEU B 382 2.38 -4.36 15.64
CA LEU B 382 2.83 -2.99 15.45
C LEU B 382 3.61 -2.85 14.15
N GLY B 383 4.22 -3.93 13.64
CA GLY B 383 4.90 -3.87 12.37
C GLY B 383 3.98 -3.83 11.16
N LYS B 384 2.67 -4.04 11.36
CA LYS B 384 1.72 -3.99 10.27
C LYS B 384 0.84 -2.74 10.33
N ILE B 385 1.20 -1.76 11.14
CA ILE B 385 0.46 -0.49 11.16
C ILE B 385 0.57 0.16 9.79
N ASN B 386 -0.55 0.73 9.33
CA ASN B 386 -0.65 1.37 8.02
C ASN B 386 -0.21 2.82 8.17
N TYR B 387 1.03 3.10 7.80
CA TYR B 387 1.53 4.46 7.83
C TYR B 387 1.26 5.18 6.52
N THR B 388 1.46 6.48 6.51
CA THR B 388 1.37 7.22 5.26
C THR B 388 2.47 6.74 4.32
N PRO B 389 2.33 7.00 3.01
CA PRO B 389 3.41 6.67 2.08
C PRO B 389 4.73 7.31 2.52
N LEU B 390 5.83 6.60 2.24
CA LEU B 390 7.13 6.95 2.81
C LEU B 390 7.62 8.32 2.37
N ASN B 391 7.19 8.79 1.19
CA ASN B 391 7.66 10.08 0.70
C ASN B 391 6.79 11.24 1.16
N ARG B 392 5.87 11.01 2.10
CA ARG B 392 5.03 12.05 2.68
C ARG B 392 5.36 12.25 4.16
N ASP B 393 4.74 13.26 4.76
CA ASP B 393 4.85 13.46 6.21
C ASP B 393 4.43 12.20 6.96
N VAL B 394 5.08 11.94 8.09
CA VAL B 394 4.77 10.76 8.88
C VAL B 394 3.35 10.86 9.42
N GLY B 395 2.65 9.74 9.42
CA GLY B 395 1.29 9.69 9.91
C GLY B 395 0.78 8.27 9.79
N ILE B 396 -0.47 8.07 10.23
CA ILE B 396 -1.11 6.76 10.23
C ILE B 396 -2.48 6.89 9.56
N VAL B 397 -2.74 6.05 8.56
CA VAL B 397 -3.97 6.13 7.77
C VAL B 397 -5.16 5.61 8.57
N ASP B 398 -5.00 4.46 9.22
CA ASP B 398 -6.03 3.87 10.07
C ASP B 398 -5.33 3.08 11.17
N LEU B 399 -6.02 2.91 12.30
CA LEU B 399 -5.43 2.20 13.44
C LEU B 399 -6.45 1.33 14.15
N PRO B 400 -6.53 0.03 13.80
CA PRO B 400 -7.47 -0.87 14.49
C PRO B 400 -7.12 -1.00 15.96
N VAL B 401 -8.12 -0.86 16.83
CA VAL B 401 -7.91 -1.01 18.27
C VAL B 401 -9.04 -1.83 18.86
N ILE B 402 -8.77 -2.41 20.02
CA ILE B 402 -9.80 -2.94 20.90
C ILE B 402 -9.64 -2.28 22.26
N PHE B 403 -10.68 -2.34 23.07
CA PHE B 403 -10.65 -1.74 24.39
C PHE B 403 -11.67 -2.43 25.30
CHA HEM C . -2.22 -25.28 -7.96
CHB HEM C . -3.07 -20.70 -9.28
CHC HEM C . 1.39 -19.45 -7.75
CHD HEM C . 2.38 -24.11 -7.01
C1A HEM C . -2.81 -24.14 -8.44
C2A HEM C . -4.14 -24.08 -9.01
C3A HEM C . -4.38 -22.81 -9.38
C4A HEM C . -3.19 -22.04 -9.05
CMA HEM C . -5.65 -22.23 -10.04
CAA HEM C . -5.08 -25.31 -9.15
CBA HEM C . -5.63 -25.54 -7.74
CGA HEM C . -6.69 -26.62 -7.76
O1A HEM C . -7.84 -26.33 -7.38
O2A HEM C . -6.39 -27.75 -8.21
C1B HEM C . -1.96 -19.97 -8.95
C2B HEM C . -1.84 -18.53 -9.08
C3B HEM C . -0.60 -18.21 -8.67
C4B HEM C . 0.09 -19.41 -8.24
CMB HEM C . -2.95 -17.57 -9.62
CAB HEM C . 0.06 -16.82 -8.59
CBB HEM C . -0.67 -15.72 -8.46
C1C HEM C . 2.03 -20.60 -7.41
C2C HEM C . 3.39 -20.68 -6.90
C3C HEM C . 3.68 -21.97 -6.70
C4C HEM C . 2.51 -22.75 -7.08
CMC HEM C . 4.22 -19.42 -6.70
CAC HEM C . 4.97 -22.65 -6.16
CBC HEM C . 5.88 -22.00 -5.45
C1D HEM C . 1.22 -24.81 -7.20
C2D HEM C . 1.07 -26.25 -7.06
C3D HEM C . -0.19 -26.59 -7.31
C4D HEM C . -0.89 -25.36 -7.63
CMD HEM C . 2.23 -27.20 -6.66
CAD HEM C . -0.85 -28.01 -7.28
CBD HEM C . -1.45 -28.23 -5.88
CGD HEM C . -2.12 -29.57 -5.70
O1D HEM C . -2.11 -30.05 -4.55
O2D HEM C . -2.68 -30.17 -6.67
NA HEM C . -2.25 -22.87 -8.48
NA HEM C . -2.25 -22.87 -8.48
NB HEM C . -0.77 -20.47 -8.43
NB HEM C . -0.78 -20.48 -8.42
NC HEM C . 1.53 -21.88 -7.50
NC HEM C . 1.53 -21.88 -7.50
ND HEM C . -0.02 -24.30 -7.56
ND HEM C . -0.01 -24.30 -7.56
FE HEM C . -0.40 -22.43 -7.93
FE HEM C . -0.41 -22.41 -7.91
N NO D . -0.01 -22.62 -9.79
O NO D . -0.56 -22.38 -10.90
C1 GOL E . -1.29 -27.25 -11.94
O1 GOL E . -2.44 -27.53 -11.10
C2 GOL E . -0.73 -25.78 -11.68
O2 GOL E . 0.45 -25.53 -12.42
C3 GOL E . -1.88 -24.83 -12.08
O3 GOL E . -1.40 -23.52 -12.23
C1 GOL F . -9.21 -35.20 -6.14
O1 GOL F . -7.88 -35.69 -6.18
C2 GOL F . -9.65 -35.11 -4.63
O2 GOL F . -8.84 -34.26 -3.89
C3 GOL F . -11.12 -34.60 -4.66
O3 GOL F . -11.08 -33.21 -4.95
C1 GOL G . 18.23 -9.05 -14.93
O1 GOL G . 17.77 -7.83 -15.49
C2 GOL G . 17.31 -9.37 -13.72
O2 GOL G . 17.02 -10.76 -13.65
C3 GOL G . 18.10 -8.89 -12.46
O3 GOL G . 18.05 -7.48 -12.41
CHA HEM H . 2.00 26.56 10.93
CHB HEM H . 2.80 22.30 13.13
CHC HEM H . -1.83 22.07 14.55
CHD HEM H . -2.70 26.16 12.09
C1A HEM H . 2.60 25.41 11.39
C2A HEM H . 3.99 25.04 11.14
C3A HEM H . 4.21 23.88 11.75
C4A HEM H . 2.97 23.47 12.39
CMA HEM H . 5.55 23.09 11.77
CAA HEM H . 5.01 25.89 10.33
CBA HEM H . 5.53 26.97 11.27
CGA HEM H . 6.61 27.85 10.68
O1A HEM H . 7.72 27.92 11.25
O2A HEM H . 6.34 28.49 9.64
C1B HEM H . 1.65 21.87 13.73
C2B HEM H . 1.49 20.67 14.54
C3B HEM H . 0.20 20.63 14.92
C4B HEM H . -0.49 21.79 14.37
CMB HEM H . 2.62 19.66 14.91
CAB HEM H . -0.54 19.60 15.78
CBB HEM H . 0.05 18.73 16.62
C1C HEM H . -2.49 23.17 14.03
C2C HEM H . -3.90 23.53 14.24
C3C HEM H . -4.13 24.66 13.54
C4C HEM H . -2.89 25.05 12.88
CMC HEM H . -4.91 22.74 15.10
CAC HEM H . -5.44 25.50 13.40
CBC HEM H . -6.58 25.14 13.96
C1D HEM H . -1.50 26.60 11.58
C2D HEM H . -1.32 27.81 10.81
C3D HEM H . -0.03 27.92 10.50
C4D HEM H . 0.65 26.79 11.04
CMD HEM H . -2.45 28.80 10.42
CAD HEM H . 0.66 29.06 9.69
CBD HEM H . 1.12 30.14 10.65
CGD HEM H . 1.91 31.26 9.97
O1D HEM H . 1.98 32.38 10.55
O2D HEM H . 2.47 31.06 8.86
NA HEM H . 1.99 24.44 12.15
NA HEM H . 1.99 24.44 12.16
NB HEM H . 0.42 22.51 13.65
NB HEM H . 0.42 22.51 13.66
NC HEM H . -1.91 24.12 13.22
NC HEM H . -1.91 24.12 13.22
ND HEM H . -0.27 25.99 11.72
ND HEM H . -0.27 25.98 11.71
FE HEM H . 0.10 24.34 12.70
FE HEM H . 0.11 24.34 12.72
N NO I . -0.08 23.32 11.13
O NO I . 0.24 22.16 10.74
C1 GOL J . 1.43 25.44 6.81
O1 GOL J . 2.39 26.22 7.46
C2 GOL J . 0.82 24.39 7.82
O2 GOL J . -0.21 23.66 7.18
C3 GOL J . 2.02 23.47 8.32
O3 GOL J . 1.54 22.28 8.91
C1 GOL K . 9.19 35.50 6.91
O1 GOL K . 7.92 35.82 6.38
C2 GOL K . 9.47 36.39 8.18
O2 GOL K . 8.55 36.16 9.20
C3 GOL K . 10.89 36.02 8.62
O3 GOL K . 10.83 34.69 9.05
C1 GOL L . -17.19 8.69 14.70
O1 GOL L . -17.86 7.65 14.03
C2 GOL L . -18.22 9.76 15.15
O2 GOL L . -18.61 9.54 16.46
C3 GOL L . -17.49 11.11 15.05
O3 GOL L . -17.27 11.43 13.69
#